data_3ZNN
#
_entry.id   3ZNN
#
_cell.length_a   44.830
_cell.length_b   78.680
_cell.length_c   99.960
_cell.angle_alpha   90.00
_cell.angle_beta   92.84
_cell.angle_gamma   90.00
#
_symmetry.space_group_name_H-M   'P 1 21 1'
#
loop_
_entity.id
_entity.type
_entity.pdbx_description
1 polymer 'D-AMINO-ACID OXIDASE'
2 non-polymer 'FLAVIN-ADENINE DINUCLEOTIDE'
3 non-polymer '4H-THIENO[3,2-B]PYROLE-5-CARBOXYLIC ACID'
4 non-polymer GLYCEROL
5 water water
#
_entity_poly.entity_id   1
_entity_poly.type   'polypeptide(L)'
_entity_poly.pdbx_seq_one_letter_code
;MRVVVIGAGVIGLSTALCIHERYHSVLQPLDIKVYADRFTPLTTTDVAAGLWQPYLSDPNNPQEADWSQQTFDYLLSHVH
SPNAENLGLFLISGYNLFHEAIPDPSWKDTVLGFRKLTPRELDMFPDYGYGWFHTSLILEGKNYLQWLTERLTERGVKFF
QRKVESFEEVAREGADVIVNCTGVWAGALQRDPLLQPGRGQIMKVDAPWMKHFILTHDPERGIYNSPYIIPGTQTVTLGG
IFQLGNWSELNNIQDHNTIWEGCCRLEPTLKNARIIGERTGFRPVRPQIRLEREQLRTGPSNTEVIHNYGHGGYGLTIHW
GCALEAAKLFGRILEEKKLSRMPPSHL
;
_entity_poly.pdbx_strand_id   A,B
#
# COMPACT_ATOMS: atom_id res chain seq x y z
N MET A 1 15.61 39.83 18.38
CA MET A 1 14.75 39.05 19.29
C MET A 1 15.30 37.66 19.55
N ARG A 2 15.52 37.34 20.83
CA ARG A 2 16.07 36.06 21.26
C ARG A 2 14.93 35.10 21.61
N VAL A 3 14.83 34.01 20.85
CA VAL A 3 13.79 32.98 21.00
C VAL A 3 14.42 31.68 21.37
N VAL A 4 13.87 31.06 22.41
CA VAL A 4 14.32 29.75 22.82
C VAL A 4 13.10 28.85 22.74
N VAL A 5 13.18 27.84 21.85
CA VAL A 5 12.15 26.80 21.67
C VAL A 5 12.66 25.61 22.47
N ILE A 6 11.88 25.15 23.44
CA ILE A 6 12.25 23.99 24.23
C ILE A 6 11.51 22.77 23.64
N GLY A 7 12.26 21.77 23.17
CA GLY A 7 11.69 20.56 22.60
C GLY A 7 11.94 20.36 21.14
N ALA A 8 12.40 19.15 20.77
CA ALA A 8 12.71 18.81 19.37
C ALA A 8 11.84 17.64 18.79
N GLY A 9 10.61 17.56 19.27
CA GLY A 9 9.66 16.59 18.71
C GLY A 9 8.96 17.33 17.58
N VAL A 10 7.91 16.76 17.02
CA VAL A 10 7.20 17.47 15.93
C VAL A 10 6.72 18.90 16.29
N ILE A 11 6.27 19.08 17.53
CA ILE A 11 5.73 20.37 17.97
C ILE A 11 6.76 21.46 18.03
N GLY A 12 7.89 21.19 18.65
CA GLY A 12 8.96 22.16 18.78
C GLY A 12 9.54 22.58 17.44
N LEU A 13 9.83 21.59 16.60
CA LEU A 13 10.44 21.84 15.31
C LEU A 13 9.56 22.55 14.32
N SER A 14 8.29 22.10 14.15
CA SER A 14 7.33 22.75 13.26
C SER A 14 6.99 24.15 13.74
N THR A 15 6.86 24.36 15.07
CA THR A 15 6.62 25.72 15.58
C THR A 15 7.78 26.68 15.25
N ALA A 16 9.03 26.24 15.52
CA ALA A 16 10.25 27.00 15.26
C ALA A 16 10.36 27.34 13.78
N LEU A 17 10.04 26.38 12.88
CA LEU A 17 10.05 26.60 11.43
C LEU A 17 9.01 27.62 11.04
N CYS A 18 7.76 27.39 11.46
N CYS A 18 7.76 27.39 11.48
CA CYS A 18 6.61 28.26 11.16
CA CYS A 18 6.60 28.24 11.21
C CYS A 18 6.85 29.71 11.62
C CYS A 18 6.87 29.70 11.63
N ILE A 19 7.36 29.90 12.87
CA ILE A 19 7.71 31.23 13.44
C ILE A 19 8.83 31.88 12.59
N HIS A 20 9.94 31.14 12.35
CA HIS A 20 11.05 31.68 11.56
C HIS A 20 10.66 32.08 10.14
N GLU A 21 9.93 31.23 9.38
CA GLU A 21 9.53 31.57 8.02
C GLU A 21 8.55 32.73 7.92
N ARG A 22 7.77 32.94 8.98
CA ARG A 22 6.81 34.03 9.00
C ARG A 22 7.29 35.35 9.60
N TYR A 23 8.27 35.32 10.51
CA TYR A 23 8.72 36.55 11.20
C TYR A 23 10.15 37.00 11.00
N HIS A 24 11.08 36.09 10.65
CA HIS A 24 12.46 36.50 10.45
C HIS A 24 12.55 37.38 9.21
N SER A 25 12.94 38.63 9.41
CA SER A 25 12.99 39.62 8.36
C SER A 25 13.99 40.71 8.73
N VAL A 26 14.22 41.63 7.81
CA VAL A 26 15.10 42.77 8.04
C VAL A 26 14.52 43.65 9.18
N LEU A 27 13.18 43.82 9.16
CA LEU A 27 12.42 44.60 10.13
C LEU A 27 12.43 43.95 11.52
N GLN A 28 12.37 42.58 11.57
CA GLN A 28 12.34 41.81 12.84
CA GLN A 28 12.43 41.86 12.84
C GLN A 28 13.38 40.67 12.80
N PRO A 29 14.71 40.93 12.99
CA PRO A 29 15.66 39.80 12.95
C PRO A 29 15.55 38.92 14.19
N LEU A 30 15.34 37.60 13.99
CA LEU A 30 15.17 36.64 15.08
C LEU A 30 16.38 35.77 15.33
N ASP A 31 16.74 35.57 16.60
CA ASP A 31 17.80 34.64 16.99
C ASP A 31 17.03 33.48 17.60
N ILE A 32 16.92 32.36 16.88
CA ILE A 32 16.19 31.20 17.39
C ILE A 32 17.12 30.12 17.77
N LYS A 33 16.95 29.60 18.99
CA LYS A 33 17.70 28.45 19.46
C LYS A 33 16.69 27.36 19.85
N VAL A 34 17.06 26.09 19.67
CA VAL A 34 16.20 24.99 20.09
C VAL A 34 16.95 24.24 21.21
N TYR A 35 16.35 24.12 22.41
CA TYR A 35 16.98 23.31 23.48
C TYR A 35 16.17 22.03 23.61
N ALA A 36 16.81 20.86 23.57
CA ALA A 36 16.08 19.61 23.73
C ALA A 36 16.93 18.64 24.50
N ASP A 37 16.30 17.88 25.37
CA ASP A 37 16.98 16.83 26.12
C ASP A 37 17.09 15.59 25.24
N ARG A 38 16.08 15.34 24.37
CA ARG A 38 16.04 14.19 23.44
C ARG A 38 15.77 14.59 22.02
N PHE A 39 16.54 14.04 21.11
CA PHE A 39 16.38 14.30 19.67
C PHE A 39 15.98 13.01 18.99
N THR A 40 15.46 13.09 17.76
CA THR A 40 15.09 11.93 16.93
C THR A 40 16.28 10.95 16.89
N PRO A 41 16.06 9.63 17.07
CA PRO A 41 14.77 8.91 17.09
C PRO A 41 14.22 8.63 18.47
N LEU A 42 14.59 9.48 19.44
CA LEU A 42 14.26 9.29 20.87
C LEU A 42 13.11 10.06 21.44
N THR A 43 12.31 10.76 20.61
CA THR A 43 11.13 11.54 21.03
C THR A 43 9.86 10.69 20.85
N THR A 44 8.73 11.14 21.46
CA THR A 44 7.43 10.49 21.31
C THR A 44 7.03 10.48 19.83
N THR A 45 7.41 11.55 19.13
CA THR A 45 7.12 11.71 17.69
C THR A 45 7.70 10.54 16.87
N ASP A 46 8.84 9.98 17.31
CA ASP A 46 9.44 8.85 16.65
C ASP A 46 8.73 7.51 16.86
N VAL A 47 7.91 7.37 17.90
CA VAL A 47 7.17 6.11 18.19
C VAL A 47 5.94 5.99 17.27
N ALA A 48 5.36 7.13 16.95
CA ALA A 48 4.16 7.24 16.13
C ALA A 48 4.29 6.67 14.70
N ALA A 49 3.20 6.10 14.20
CA ALA A 49 3.22 5.59 12.82
C ALA A 49 3.17 6.80 11.88
N GLY A 50 2.44 7.84 12.29
CA GLY A 50 2.36 9.07 11.52
C GLY A 50 1.11 9.24 10.67
N LEU A 51 0.11 8.39 10.91
CA LEU A 51 -1.15 8.49 10.20
C LEU A 51 -1.95 9.72 10.63
N TRP A 52 -2.58 10.41 9.65
CA TRP A 52 -3.46 11.52 9.90
C TRP A 52 -4.85 10.95 10.16
N GLN A 53 -5.31 11.13 11.40
CA GLN A 53 -6.66 10.81 11.88
C GLN A 53 -6.95 11.46 13.21
N PRO A 54 -7.80 12.48 13.21
CA PRO A 54 -8.23 13.10 14.47
C PRO A 54 -9.24 12.19 15.18
N TYR A 55 -9.76 12.66 16.33
CA TYR A 55 -10.81 11.97 17.08
C TYR A 55 -12.07 11.86 16.19
N LEU A 56 -12.84 10.77 16.34
CA LEU A 56 -14.07 10.51 15.58
C LEU A 56 -15.11 11.59 15.86
N SER A 57 -15.40 11.80 17.16
CA SER A 57 -16.38 12.76 17.64
C SER A 57 -15.80 14.15 17.87
N ASP A 58 -16.61 15.19 17.55
CA ASP A 58 -16.33 16.64 17.65
C ASP A 58 -15.48 16.98 18.91
N PRO A 59 -14.32 17.63 18.73
CA PRO A 59 -13.47 17.91 19.90
C PRO A 59 -14.04 18.91 20.90
N ASN A 60 -13.50 18.89 22.15
CA ASN A 60 -13.86 19.75 23.28
C ASN A 60 -13.70 21.23 22.87
N ASN A 61 -12.71 21.49 22.01
CA ASN A 61 -12.44 22.78 21.39
C ASN A 61 -12.64 22.58 19.87
N PRO A 62 -13.57 23.32 19.21
CA PRO A 62 -13.75 23.16 17.75
C PRO A 62 -12.54 23.66 16.92
N GLN A 63 -11.66 24.48 17.53
CA GLN A 63 -10.42 25.01 16.94
C GLN A 63 -9.51 23.87 16.51
N GLU A 64 -9.47 22.80 17.31
CA GLU A 64 -8.68 21.59 17.06
C GLU A 64 -8.99 20.91 15.71
N ALA A 65 -10.27 20.90 15.32
CA ALA A 65 -10.70 20.30 14.05
C ALA A 65 -10.19 21.15 12.88
N ASP A 66 -10.17 22.50 13.06
CA ASP A 66 -9.65 23.44 12.06
C ASP A 66 -8.16 23.22 11.88
N TRP A 67 -7.41 23.05 13.01
CA TRP A 67 -5.95 22.81 13.06
C TRP A 67 -5.56 21.47 12.40
N SER A 68 -6.40 20.44 12.60
CA SER A 68 -6.15 19.16 11.95
C SER A 68 -6.40 19.25 10.46
N GLN A 69 -7.51 19.89 10.07
CA GLN A 69 -7.87 20.13 8.68
C GLN A 69 -6.79 20.95 7.96
N GLN A 70 -6.23 22.01 8.64
CA GLN A 70 -5.18 22.86 8.04
C GLN A 70 -3.94 22.01 7.79
N THR A 71 -3.61 21.12 8.74
CA THR A 71 -2.47 20.19 8.60
C THR A 71 -2.63 19.25 7.40
N PHE A 72 -3.80 18.59 7.24
CA PHE A 72 -4.09 17.67 6.13
C PHE A 72 -3.99 18.44 4.81
N ASP A 73 -4.67 19.60 4.68
CA ASP A 73 -4.66 20.43 3.47
C ASP A 73 -3.26 20.81 3.06
N TYR A 74 -2.43 21.22 4.03
CA TYR A 74 -1.03 21.56 3.79
C TYR A 74 -0.26 20.29 3.33
N LEU A 75 -0.35 19.17 4.08
CA LEU A 75 0.37 17.95 3.68
C LEU A 75 -0.07 17.42 2.36
N LEU A 76 -1.40 17.42 2.08
CA LEU A 76 -1.95 16.97 0.79
C LEU A 76 -1.40 17.75 -0.40
N SER A 77 -1.17 19.08 -0.23
CA SER A 77 -0.66 19.94 -1.29
C SER A 77 0.79 19.63 -1.64
N HIS A 78 1.48 18.84 -0.80
CA HIS A 78 2.88 18.45 -1.01
C HIS A 78 3.12 16.98 -1.29
N VAL A 79 2.05 16.16 -1.41
CA VAL A 79 2.18 14.71 -1.62
CA VAL A 79 2.23 14.71 -1.63
C VAL A 79 3.05 14.32 -2.86
N HIS A 80 3.04 15.17 -3.91
CA HIS A 80 3.82 14.92 -5.13
C HIS A 80 4.99 15.87 -5.26
N SER A 81 5.22 16.68 -4.21
CA SER A 81 6.31 17.66 -4.15
CA SER A 81 6.31 17.65 -4.20
C SER A 81 7.67 16.96 -4.20
N PRO A 82 8.72 17.58 -4.80
CA PRO A 82 10.04 16.92 -4.82
C PRO A 82 10.54 16.42 -3.45
N ASN A 83 10.18 17.12 -2.35
CA ASN A 83 10.61 16.79 -0.99
C ASN A 83 9.76 15.74 -0.25
N ALA A 84 8.61 15.29 -0.82
CA ALA A 84 7.72 14.31 -0.18
C ALA A 84 8.44 13.10 0.43
N GLU A 85 9.38 12.49 -0.31
CA GLU A 85 10.17 11.36 0.18
C GLU A 85 11.02 11.76 1.42
N ASN A 86 11.62 12.98 1.39
CA ASN A 86 12.43 13.51 2.49
C ASN A 86 11.57 13.79 3.71
N LEU A 87 10.31 14.23 3.51
CA LEU A 87 9.36 14.45 4.59
C LEU A 87 8.87 13.17 5.23
N GLY A 88 8.84 12.07 4.47
CA GLY A 88 8.29 10.78 4.89
C GLY A 88 6.78 10.83 4.73
N LEU A 89 6.33 11.61 3.71
CA LEU A 89 4.93 11.90 3.42
C LEU A 89 4.40 11.01 2.27
N PHE A 90 3.27 10.31 2.49
CA PHE A 90 2.67 9.48 1.43
C PHE A 90 1.18 9.21 1.67
N LEU A 91 0.47 8.89 0.58
CA LEU A 91 -0.96 8.56 0.62
C LEU A 91 -1.16 7.10 1.03
N ILE A 92 -2.22 6.82 1.80
CA ILE A 92 -2.58 5.48 2.25
C ILE A 92 -4.09 5.41 2.46
N SER A 93 -4.71 4.29 2.03
CA SER A 93 -6.13 4.05 2.20
C SER A 93 -6.32 2.96 3.24
N GLY A 94 -7.50 2.88 3.83
CA GLY A 94 -7.69 1.85 4.83
C GLY A 94 -9.04 1.81 5.48
N TYR A 95 -9.14 0.94 6.47
CA TYR A 95 -10.34 0.57 7.21
C TYR A 95 -10.40 1.09 8.63
N ASN A 96 -11.56 1.61 9.03
CA ASN A 96 -11.85 1.93 10.43
C ASN A 96 -12.95 0.95 10.73
N LEU A 97 -12.72 0.05 11.69
CA LEU A 97 -13.67 -1.04 12.01
C LEU A 97 -14.33 -0.89 13.40
N PHE A 98 -15.64 -1.05 13.42
CA PHE A 98 -16.50 -0.91 14.60
C PHE A 98 -17.40 -2.12 14.77
N HIS A 99 -17.83 -2.36 16.01
CA HIS A 99 -18.77 -3.43 16.28
C HIS A 99 -20.18 -3.02 15.82
N GLU A 100 -20.61 -1.80 16.22
CA GLU A 100 -21.92 -1.22 15.86
C GLU A 100 -21.75 0.08 15.03
N ALA A 101 -22.85 0.52 14.37
CA ALA A 101 -22.93 1.75 13.58
C ALA A 101 -22.61 2.96 14.43
N ILE A 102 -21.90 3.91 13.85
CA ILE A 102 -21.45 5.11 14.54
C ILE A 102 -21.60 6.31 13.58
N PRO A 103 -21.81 7.56 14.06
CA PRO A 103 -21.96 8.68 13.11
C PRO A 103 -20.71 8.94 12.28
N ASP A 104 -20.87 9.55 11.11
CA ASP A 104 -19.75 9.93 10.23
C ASP A 104 -18.85 10.90 10.98
N PRO A 105 -17.51 10.90 10.77
CA PRO A 105 -16.68 11.82 11.56
C PRO A 105 -16.74 13.23 10.98
N SER A 106 -16.46 14.21 11.80
CA SER A 106 -16.46 15.63 11.42
C SER A 106 -15.50 15.87 10.24
N TRP A 107 -14.41 15.05 10.16
CA TRP A 107 -13.39 15.10 9.11
C TRP A 107 -13.71 14.27 7.85
N LYS A 108 -14.95 13.72 7.72
CA LYS A 108 -15.33 12.87 6.55
C LYS A 108 -15.05 13.51 5.18
N ASP A 109 -15.15 14.86 5.12
CA ASP A 109 -14.94 15.60 3.89
C ASP A 109 -13.51 16.14 3.72
N THR A 110 -12.64 15.95 4.74
CA THR A 110 -11.21 16.38 4.72
C THR A 110 -10.37 15.29 4.06
N VAL A 111 -10.59 14.03 4.48
CA VAL A 111 -9.97 12.84 3.90
C VAL A 111 -10.48 12.62 2.46
N LEU A 112 -9.83 11.70 1.73
CA LEU A 112 -10.24 11.44 0.35
C LEU A 112 -11.14 10.24 0.23
N GLY A 113 -12.23 10.41 -0.54
CA GLY A 113 -13.18 9.35 -0.84
C GLY A 113 -13.74 8.60 0.35
N PHE A 114 -14.13 9.32 1.39
CA PHE A 114 -14.70 8.68 2.58
C PHE A 114 -16.00 7.98 2.22
N ARG A 115 -16.20 6.77 2.76
CA ARG A 115 -17.40 5.99 2.56
CA ARG A 115 -17.37 5.93 2.51
C ARG A 115 -17.50 4.86 3.58
N LYS A 116 -18.67 4.20 3.64
CA LYS A 116 -18.94 3.09 4.53
C LYS A 116 -18.44 1.80 3.86
N LEU A 117 -18.15 0.77 4.67
CA LEU A 117 -17.76 -0.53 4.14
C LEU A 117 -18.96 -1.30 3.63
N THR A 118 -18.81 -2.00 2.49
CA THR A 118 -19.85 -2.84 1.87
C THR A 118 -19.84 -4.20 2.57
N PRO A 119 -20.91 -5.01 2.42
CA PRO A 119 -20.92 -6.34 3.05
C PRO A 119 -19.74 -7.24 2.66
N ARG A 120 -19.31 -7.24 1.38
CA ARG A 120 -18.17 -8.05 0.94
C ARG A 120 -16.87 -7.62 1.59
N GLU A 121 -16.70 -6.30 1.83
CA GLU A 121 -15.51 -5.80 2.52
C GLU A 121 -15.60 -6.17 4.03
N LEU A 122 -16.82 -6.11 4.61
CA LEU A 122 -17.04 -6.47 6.02
C LEU A 122 -16.83 -7.96 6.30
N ASP A 123 -17.07 -8.83 5.30
CA ASP A 123 -16.89 -10.28 5.42
C ASP A 123 -15.43 -10.64 5.66
N MET A 124 -14.51 -9.74 5.30
CA MET A 124 -13.08 -9.92 5.51
C MET A 124 -12.70 -9.70 7.00
N PHE A 125 -13.58 -9.06 7.79
CA PHE A 125 -13.35 -8.76 9.22
C PHE A 125 -14.54 -9.27 10.04
N PRO A 126 -14.60 -10.60 10.28
CA PRO A 126 -15.78 -11.18 10.97
C PRO A 126 -16.14 -10.60 12.34
N ASP A 127 -15.12 -10.12 13.10
CA ASP A 127 -15.29 -9.59 14.45
C ASP A 127 -15.91 -8.21 14.50
N TYR A 128 -16.12 -7.58 13.33
CA TYR A 128 -16.65 -6.23 13.23
C TYR A 128 -17.86 -6.21 12.30
N GLY A 129 -18.88 -5.43 12.63
CA GLY A 129 -20.11 -5.32 11.86
C GLY A 129 -20.34 -3.99 11.16
N TYR A 130 -19.41 -3.04 11.31
CA TYR A 130 -19.55 -1.71 10.71
C TYR A 130 -18.18 -1.15 10.43
N GLY A 131 -18.10 -0.31 9.42
CA GLY A 131 -16.83 0.32 9.10
C GLY A 131 -16.84 1.40 8.06
N TRP A 132 -15.66 1.98 7.91
CA TRP A 132 -15.38 3.00 6.95
C TRP A 132 -14.21 2.59 6.09
N PHE A 133 -14.11 3.24 4.93
CA PHE A 133 -12.95 3.13 4.08
C PHE A 133 -12.63 4.54 3.68
N HIS A 134 -11.35 4.90 3.70
CA HIS A 134 -10.94 6.21 3.20
C HIS A 134 -9.51 6.26 2.85
N THR A 135 -9.11 7.34 2.14
CA THR A 135 -7.71 7.63 1.83
C THR A 135 -7.22 8.79 2.74
N SER A 136 -6.14 8.51 3.47
CA SER A 136 -5.49 9.52 4.31
C SER A 136 -4.01 9.63 3.89
N LEU A 137 -3.20 10.17 4.80
CA LEU A 137 -1.78 10.41 4.63
C LEU A 137 -1.01 9.91 5.84
N ILE A 138 0.21 9.51 5.61
CA ILE A 138 1.15 9.14 6.65
C ILE A 138 2.29 10.15 6.56
N LEU A 139 2.74 10.65 7.72
CA LEU A 139 3.89 11.53 7.80
C LEU A 139 4.75 10.86 8.89
N GLU A 140 5.84 10.22 8.47
CA GLU A 140 6.70 9.51 9.40
C GLU A 140 7.67 10.44 10.09
N GLY A 141 7.65 10.46 11.42
CA GLY A 141 8.51 11.29 12.26
C GLY A 141 10.00 11.10 12.05
N LYS A 142 10.50 9.83 11.95
CA LYS A 142 11.97 9.70 11.75
C LYS A 142 12.50 10.49 10.52
N ASN A 143 11.68 10.58 9.47
CA ASN A 143 12.02 11.38 8.31
C ASN A 143 11.63 12.85 8.50
N TYR A 144 10.40 13.11 9.00
CA TYR A 144 9.90 14.48 9.18
C TYR A 144 10.72 15.33 10.13
N LEU A 145 11.16 14.73 11.23
CA LEU A 145 11.96 15.40 12.25
C LEU A 145 13.34 15.78 11.67
N GLN A 146 13.95 14.86 10.87
CA GLN A 146 15.22 15.14 10.24
CA GLN A 146 15.22 15.06 10.16
C GLN A 146 15.03 16.23 9.16
N TRP A 147 13.89 16.19 8.42
CA TRP A 147 13.56 17.21 7.41
C TRP A 147 13.43 18.62 8.04
N LEU A 148 12.64 18.73 9.12
CA LEU A 148 12.46 19.99 9.86
C LEU A 148 13.82 20.47 10.39
N THR A 149 14.61 19.56 10.96
CA THR A 149 15.94 19.91 11.47
C THR A 149 16.84 20.53 10.36
N GLU A 150 16.88 19.89 9.16
CA GLU A 150 17.65 20.40 8.03
C GLU A 150 17.13 21.76 7.56
N ARG A 151 15.80 21.97 7.61
CA ARG A 151 15.15 23.24 7.25
C ARG A 151 15.48 24.34 8.26
N LEU A 152 15.49 24.00 9.56
CA LEU A 152 15.87 24.95 10.60
C LEU A 152 17.35 25.30 10.51
N THR A 153 18.19 24.28 10.26
CA THR A 153 19.65 24.50 10.15
C THR A 153 20.00 25.49 9.02
N GLU A 154 19.40 25.33 7.85
CA GLU A 154 19.68 26.24 6.75
C GLU A 154 19.18 27.65 7.02
N ARG A 155 18.18 27.80 7.94
CA ARG A 155 17.65 29.11 8.38
C ARG A 155 18.47 29.73 9.49
N GLY A 156 19.48 29.01 9.97
CA GLY A 156 20.36 29.55 11.01
C GLY A 156 19.88 29.30 12.43
N VAL A 157 18.97 28.31 12.61
CA VAL A 157 18.47 27.97 13.95
C VAL A 157 19.53 27.05 14.58
N LYS A 158 19.94 27.37 15.81
CA LYS A 158 20.98 26.62 16.52
C LYS A 158 20.36 25.65 17.50
N PHE A 159 20.92 24.47 17.56
CA PHE A 159 20.45 23.34 18.38
C PHE A 159 21.40 23.06 19.50
N PHE A 160 20.86 22.77 20.70
CA PHE A 160 21.68 22.49 21.88
C PHE A 160 21.12 21.29 22.61
N GLN A 161 21.96 20.36 22.98
CA GLN A 161 21.52 19.25 23.81
C GLN A 161 21.53 19.79 25.25
N ARG A 162 20.35 19.90 25.89
CA ARG A 162 20.24 20.30 27.29
C ARG A 162 18.89 20.07 27.88
N LYS A 163 18.89 19.70 29.17
CA LYS A 163 17.70 19.53 29.94
C LYS A 163 17.49 20.83 30.70
N VAL A 164 16.47 21.57 30.27
CA VAL A 164 16.07 22.83 30.86
C VAL A 164 15.47 22.51 32.23
N GLU A 165 16.02 23.11 33.29
CA GLU A 165 15.58 22.94 34.68
C GLU A 165 14.37 23.83 34.95
N SER A 166 14.39 25.05 34.39
CA SER A 166 13.34 26.01 34.59
C SER A 166 13.30 27.04 33.50
N PHE A 167 12.15 27.70 33.34
CA PHE A 167 12.01 28.82 32.41
C PHE A 167 12.92 30.00 32.84
N GLU A 168 13.12 30.24 34.17
CA GLU A 168 13.93 31.35 34.72
C GLU A 168 15.38 31.23 34.32
N GLU A 169 15.90 29.98 34.30
CA GLU A 169 17.26 29.67 33.89
C GLU A 169 17.42 30.15 32.44
N VAL A 170 16.38 29.95 31.61
CA VAL A 170 16.36 30.38 30.21
C VAL A 170 16.20 31.91 30.14
N ALA A 171 15.27 32.47 30.91
CA ALA A 171 15.00 33.91 30.98
C ALA A 171 16.26 34.68 31.43
N ARG A 172 16.99 34.13 32.43
CA ARG A 172 18.19 34.79 32.95
C ARG A 172 19.35 34.89 31.99
N GLU A 173 19.37 34.03 30.94
CA GLU A 173 20.42 34.08 29.91
C GLU A 173 20.08 34.93 28.70
N GLY A 174 18.99 35.66 28.78
CA GLY A 174 18.60 36.62 27.75
C GLY A 174 17.45 36.28 26.83
N ALA A 175 16.66 35.23 27.12
CA ALA A 175 15.55 34.90 26.21
C ALA A 175 14.40 35.91 26.31
N ASP A 176 13.94 36.42 25.17
CA ASP A 176 12.81 37.34 25.10
C ASP A 176 11.50 36.57 25.06
N VAL A 177 11.51 35.41 24.37
CA VAL A 177 10.30 34.62 24.15
C VAL A 177 10.70 33.15 24.31
N ILE A 178 9.94 32.43 25.14
CA ILE A 178 10.18 30.99 25.31
C ILE A 178 8.99 30.27 24.69
N VAL A 179 9.24 29.34 23.76
CA VAL A 179 8.17 28.54 23.13
C VAL A 179 8.33 27.16 23.77
N ASN A 180 7.38 26.79 24.62
CA ASN A 180 7.35 25.60 25.43
C ASN A 180 6.66 24.42 24.73
N CYS A 181 7.48 23.56 24.09
CA CYS A 181 7.02 22.38 23.31
C CYS A 181 7.59 21.12 23.87
N THR A 182 7.42 20.95 25.19
CA THR A 182 7.97 19.91 26.03
C THR A 182 7.16 18.61 26.10
N GLY A 183 6.06 18.54 25.36
CA GLY A 183 5.24 17.33 25.32
C GLY A 183 4.72 16.93 26.68
N VAL A 184 4.85 15.63 26.99
CA VAL A 184 4.38 15.04 28.22
C VAL A 184 5.15 15.50 29.47
N TRP A 185 6.40 15.98 29.30
CA TRP A 185 7.28 16.43 30.39
C TRP A 185 7.11 17.91 30.81
N ALA A 186 6.13 18.63 30.24
CA ALA A 186 5.84 20.05 30.56
C ALA A 186 5.63 20.36 32.06
N GLY A 187 5.08 19.40 32.81
CA GLY A 187 4.82 19.56 34.25
C GLY A 187 6.06 19.86 35.07
N ALA A 188 7.22 19.39 34.60
CA ALA A 188 8.50 19.64 35.24
C ALA A 188 8.94 21.12 35.19
N LEU A 189 8.36 21.92 34.27
CA LEU A 189 8.70 23.35 34.15
C LEU A 189 7.61 24.19 34.80
N GLN A 190 6.36 23.66 34.79
CA GLN A 190 5.23 24.31 35.45
C GLN A 190 4.16 23.29 35.67
N ARG A 191 3.77 23.10 36.94
CA ARG A 191 2.72 22.15 37.32
C ARG A 191 1.45 22.28 36.45
N ASP A 192 1.03 21.16 35.88
CA ASP A 192 -0.18 21.12 35.08
C ASP A 192 -0.99 19.90 35.56
N PRO A 193 -1.97 20.09 36.48
CA PRO A 193 -2.73 18.94 36.99
C PRO A 193 -3.58 18.20 35.95
N LEU A 194 -3.73 18.75 34.73
CA LEU A 194 -4.55 18.17 33.65
C LEU A 194 -3.74 17.41 32.59
N LEU A 195 -2.43 17.29 32.78
CA LEU A 195 -1.53 16.62 31.86
C LEU A 195 -1.07 15.28 32.41
N GLN A 196 -1.21 14.20 31.62
CA GLN A 196 -0.83 12.84 32.01
C GLN A 196 -0.17 12.10 30.89
N PRO A 197 0.75 11.14 31.15
CA PRO A 197 1.20 10.29 30.05
C PRO A 197 0.07 9.32 29.64
N GLY A 198 -0.11 9.16 28.34
CA GLY A 198 -1.00 8.20 27.70
C GLY A 198 -0.03 7.16 27.18
N ARG A 199 0.48 6.27 28.05
CA ARG A 199 1.48 5.30 27.62
C ARG A 199 1.07 4.43 26.41
N GLY A 200 1.95 4.38 25.41
CA GLY A 200 1.76 3.57 24.23
C GLY A 200 2.94 2.67 23.94
N GLN A 201 2.65 1.47 23.42
CA GLN A 201 3.64 0.50 22.98
C GLN A 201 3.27 0.01 21.58
N ILE A 202 4.31 -0.18 20.73
CA ILE A 202 4.16 -0.63 19.35
C ILE A 202 5.23 -1.63 18.98
N MET A 203 4.99 -2.37 17.90
CA MET A 203 5.90 -3.31 17.26
C MET A 203 6.06 -2.82 15.83
N LYS A 204 7.24 -3.02 15.26
CA LYS A 204 7.51 -2.64 13.87
C LYS A 204 7.86 -3.97 13.23
N VAL A 205 7.04 -4.35 12.26
CA VAL A 205 7.14 -5.66 11.65
C VAL A 205 7.45 -5.59 10.12
N ASP A 206 8.03 -6.67 9.58
CA ASP A 206 8.29 -6.74 8.14
C ASP A 206 7.18 -7.54 7.45
N ALA A 207 6.16 -6.81 6.97
CA ALA A 207 4.99 -7.33 6.26
C ALA A 207 4.79 -6.41 5.05
N PRO A 208 5.72 -6.40 4.06
CA PRO A 208 5.60 -5.40 2.97
C PRO A 208 4.40 -5.57 2.02
N TRP A 209 3.71 -6.70 2.11
CA TRP A 209 2.51 -7.00 1.35
C TRP A 209 1.30 -6.26 1.91
N MET A 210 1.42 -5.69 3.14
CA MET A 210 0.33 -4.94 3.77
C MET A 210 0.26 -3.56 3.14
N LYS A 211 -0.81 -3.31 2.34
CA LYS A 211 -0.95 -2.05 1.65
C LYS A 211 -1.96 -1.07 2.24
N HIS A 212 -2.73 -1.48 3.27
CA HIS A 212 -3.75 -0.60 3.87
C HIS A 212 -3.56 -0.53 5.37
N PHE A 213 -4.04 0.56 5.96
CA PHE A 213 -4.11 0.64 7.43
C PHE A 213 -5.40 -0.07 7.81
N ILE A 214 -5.44 -0.60 9.03
CA ILE A 214 -6.62 -1.20 9.63
C ILE A 214 -6.67 -0.67 11.07
N LEU A 215 -7.69 0.14 11.43
CA LEU A 215 -7.85 0.67 12.77
C LEU A 215 -9.13 0.08 13.41
N THR A 216 -9.03 -0.49 14.62
CA THR A 216 -10.25 -1.02 15.26
C THR A 216 -10.65 -0.11 16.41
N HIS A 217 -11.96 -0.05 16.69
CA HIS A 217 -12.53 0.80 17.72
C HIS A 217 -13.41 -0.06 18.62
N ASP A 218 -13.11 0.01 19.91
CA ASP A 218 -13.81 -0.75 20.94
C ASP A 218 -13.99 0.20 22.15
N PRO A 219 -15.24 0.62 22.44
CA PRO A 219 -15.46 1.53 23.56
C PRO A 219 -15.16 0.95 24.94
N GLU A 220 -15.09 -0.41 25.07
CA GLU A 220 -14.75 -1.05 26.34
C GLU A 220 -13.23 -0.96 26.60
N ARG A 221 -12.42 -0.96 25.52
CA ARG A 221 -10.95 -0.85 25.59
C ARG A 221 -10.57 0.61 25.70
N GLY A 222 -11.37 1.46 25.05
CA GLY A 222 -11.15 2.91 24.99
C GLY A 222 -10.29 3.29 23.81
N ILE A 223 -10.06 4.62 23.62
CA ILE A 223 -9.25 5.20 22.55
C ILE A 223 -7.80 4.67 22.54
N TYR A 224 -7.24 4.40 21.36
CA TYR A 224 -5.84 3.93 21.12
C TYR A 224 -5.50 2.63 21.83
N ASN A 225 -6.51 1.88 22.30
CA ASN A 225 -6.33 0.69 23.11
C ASN A 225 -6.94 -0.57 22.50
N SER A 226 -7.22 -0.51 21.17
CA SER A 226 -7.80 -1.56 20.35
C SER A 226 -6.80 -1.82 19.18
N PRO A 227 -6.66 -3.06 18.63
CA PRO A 227 -5.63 -3.29 17.59
C PRO A 227 -5.62 -2.35 16.39
N TYR A 228 -4.40 -1.99 15.96
CA TYR A 228 -4.20 -1.21 14.74
C TYR A 228 -3.01 -1.66 13.97
N ILE A 229 -3.10 -1.61 12.62
CA ILE A 229 -2.06 -2.03 11.68
C ILE A 229 -1.83 -0.85 10.74
N ILE A 230 -0.62 -0.28 10.75
CA ILE A 230 -0.32 0.91 9.96
C ILE A 230 0.98 0.73 9.19
N PRO A 231 0.85 0.39 7.90
CA PRO A 231 2.03 0.20 7.05
C PRO A 231 2.82 1.49 6.87
N GLY A 232 4.11 1.46 7.14
CA GLY A 232 4.94 2.65 6.94
C GLY A 232 5.76 2.47 5.67
N THR A 233 6.89 3.22 5.49
CA THR A 233 7.74 3.06 4.31
CA THR A 233 7.74 3.06 4.31
C THR A 233 8.54 1.74 4.34
N GLN A 234 9.22 1.46 5.48
CA GLN A 234 10.04 0.25 5.59
C GLN A 234 9.40 -0.87 6.38
N THR A 235 8.54 -0.50 7.33
CA THR A 235 7.97 -1.46 8.25
C THR A 235 6.49 -1.14 8.50
N VAL A 236 5.78 -2.08 9.11
CA VAL A 236 4.37 -1.94 9.48
C VAL A 236 4.31 -1.84 11.01
N THR A 237 3.65 -0.79 11.46
CA THR A 237 3.42 -0.55 12.88
C THR A 237 2.23 -1.38 13.32
N LEU A 238 2.44 -2.14 14.39
CA LEU A 238 1.42 -2.91 15.05
C LEU A 238 1.22 -2.25 16.43
N GLY A 239 0.02 -1.83 16.75
CA GLY A 239 -0.21 -1.20 18.06
C GLY A 239 -1.60 -1.43 18.59
N GLY A 240 -1.95 -0.62 19.56
CA GLY A 240 -3.26 -0.65 20.19
C GLY A 240 -3.15 -0.73 21.69
N ILE A 241 -2.35 0.16 22.28
CA ILE A 241 -2.14 0.25 23.72
CA ILE A 241 -2.16 0.25 23.73
C ILE A 241 -2.17 1.68 24.26
N PHE A 242 -3.08 1.92 25.23
CA PHE A 242 -3.24 3.21 25.86
C PHE A 242 -3.35 2.99 27.36
N GLN A 243 -2.34 3.46 28.13
CA GLN A 243 -2.30 3.33 29.60
C GLN A 243 -2.10 4.65 30.26
N LEU A 244 -3.21 5.27 30.66
CA LEU A 244 -3.25 6.61 31.26
C LEU A 244 -2.59 6.64 32.63
N GLY A 245 -1.47 7.37 32.71
CA GLY A 245 -0.74 7.61 33.96
C GLY A 245 0.44 6.70 34.17
N ASN A 246 0.71 5.82 33.19
CA ASN A 246 1.83 4.90 33.27
C ASN A 246 3.12 5.56 32.69
N TRP A 247 4.11 5.81 33.58
CA TRP A 247 5.40 6.43 33.24
C TRP A 247 6.53 5.40 32.93
N SER A 248 6.22 4.11 32.86
CA SER A 248 7.21 3.08 32.52
C SER A 248 7.69 3.20 31.05
N GLU A 249 9.02 3.37 30.84
CA GLU A 249 9.63 3.52 29.52
C GLU A 249 10.00 2.18 28.89
N LEU A 250 9.89 1.11 29.66
CA LEU A 250 10.25 -0.23 29.20
C LEU A 250 9.15 -0.84 28.37
N ASN A 251 9.53 -1.68 27.40
CA ASN A 251 8.56 -2.46 26.63
C ASN A 251 8.21 -3.65 27.54
N ASN A 252 7.00 -4.18 27.45
CA ASN A 252 6.64 -5.34 28.26
C ASN A 252 5.93 -6.41 27.45
N ILE A 253 6.09 -7.67 27.85
CA ILE A 253 5.54 -8.85 27.18
C ILE A 253 4.01 -8.89 27.14
N GLN A 254 3.32 -8.41 28.21
CA GLN A 254 1.87 -8.43 28.25
C GLN A 254 1.33 -7.64 27.05
N ASP A 255 1.84 -6.40 26.89
CA ASP A 255 1.51 -5.48 25.82
C ASP A 255 2.02 -6.02 24.50
N HIS A 256 3.20 -6.68 24.47
CA HIS A 256 3.72 -7.30 23.25
C HIS A 256 2.70 -8.35 22.75
N ASN A 257 2.18 -9.18 23.69
CA ASN A 257 1.21 -10.24 23.37
C ASN A 257 -0.13 -9.69 22.92
N THR A 258 -0.62 -8.64 23.62
CA THR A 258 -1.90 -8.01 23.28
C THR A 258 -1.85 -7.52 21.84
N ILE A 259 -0.81 -6.73 21.48
CA ILE A 259 -0.53 -6.21 20.14
C ILE A 259 -0.53 -7.35 19.10
N TRP A 260 0.39 -8.32 19.26
CA TRP A 260 0.60 -9.45 18.36
C TRP A 260 -0.66 -10.30 18.15
N GLU A 261 -1.28 -10.77 19.26
CA GLU A 261 -2.53 -11.55 19.20
C GLU A 261 -3.66 -10.79 18.53
N GLY A 262 -3.86 -9.54 18.91
CA GLY A 262 -4.90 -8.68 18.34
C GLY A 262 -4.74 -8.40 16.86
N CYS A 263 -3.52 -8.03 16.44
CA CYS A 263 -3.21 -7.72 15.02
C CYS A 263 -3.18 -8.97 14.12
N CYS A 264 -2.80 -10.15 14.67
CA CYS A 264 -2.81 -11.42 13.91
C CYS A 264 -4.20 -11.95 13.71
N ARG A 265 -5.14 -11.60 14.61
CA ARG A 265 -6.53 -12.03 14.48
CA ARG A 265 -6.52 -12.04 14.48
C ARG A 265 -7.18 -11.19 13.37
N LEU A 266 -6.77 -9.92 13.31
CA LEU A 266 -7.22 -8.96 12.31
C LEU A 266 -6.67 -9.34 10.93
N GLU A 267 -5.39 -9.72 10.90
CA GLU A 267 -4.72 -10.03 9.66
C GLU A 267 -3.82 -11.27 9.83
N PRO A 268 -4.40 -12.48 9.57
CA PRO A 268 -3.64 -13.73 9.74
C PRO A 268 -2.27 -13.83 9.09
N THR A 269 -2.04 -13.09 7.99
CA THR A 269 -0.77 -13.08 7.26
C THR A 269 0.38 -12.55 8.13
N LEU A 270 0.06 -11.75 9.18
CA LEU A 270 1.03 -11.17 10.12
C LEU A 270 1.78 -12.22 10.93
N LYS A 271 1.19 -13.41 11.15
CA LYS A 271 1.82 -14.54 11.85
C LYS A 271 3.26 -14.81 11.37
N ASN A 272 3.49 -14.74 10.04
CA ASN A 272 4.80 -14.96 9.44
C ASN A 272 5.72 -13.73 9.33
N ALA A 273 5.27 -12.54 9.81
CA ALA A 273 6.09 -11.34 9.74
C ALA A 273 7.22 -11.32 10.76
N ARG A 274 8.39 -10.85 10.32
CA ARG A 274 9.62 -10.69 11.11
C ARG A 274 9.48 -9.41 11.94
N ILE A 275 9.75 -9.46 13.26
CA ILE A 275 9.66 -8.29 14.12
C ILE A 275 10.98 -7.52 14.03
N ILE A 276 10.93 -6.28 13.54
CA ILE A 276 12.09 -5.40 13.37
C ILE A 276 12.45 -4.68 14.68
N GLY A 277 11.44 -4.13 15.34
CA GLY A 277 11.64 -3.39 16.58
C GLY A 277 10.37 -3.18 17.38
N GLU A 278 10.56 -2.78 18.63
CA GLU A 278 9.47 -2.50 19.56
CA GLU A 278 9.47 -2.50 19.58
C GLU A 278 9.82 -1.22 20.34
N ARG A 279 8.84 -0.30 20.47
CA ARG A 279 9.04 0.97 21.16
C ARG A 279 7.91 1.26 22.16
N THR A 280 8.23 2.07 23.17
CA THR A 280 7.30 2.63 24.15
C THR A 280 7.40 4.14 24.06
N GLY A 281 6.25 4.82 24.13
CA GLY A 281 6.17 6.28 24.12
C GLY A 281 5.06 6.81 25.01
N PHE A 282 5.09 8.12 25.30
CA PHE A 282 4.08 8.72 26.17
C PHE A 282 3.27 9.77 25.47
N ARG A 283 2.02 9.47 25.14
CA ARG A 283 1.16 10.47 24.54
C ARG A 283 0.96 11.61 25.59
N PRO A 284 1.16 12.91 25.20
CA PRO A 284 0.92 14.01 26.15
C PRO A 284 -0.59 14.27 26.30
N VAL A 285 -1.27 13.48 27.15
CA VAL A 285 -2.72 13.57 27.30
C VAL A 285 -3.21 14.71 28.19
N ARG A 286 -4.17 15.49 27.67
CA ARG A 286 -4.83 16.60 28.35
C ARG A 286 -6.27 16.66 27.88
N PRO A 287 -7.23 17.35 28.54
CA PRO A 287 -8.60 17.46 27.95
C PRO A 287 -8.61 18.22 26.62
N GLN A 288 -7.61 19.07 26.42
CA GLN A 288 -7.40 19.83 25.19
C GLN A 288 -5.94 20.23 25.15
N ILE A 289 -5.42 20.56 23.98
CA ILE A 289 -4.07 21.10 23.82
C ILE A 289 -4.00 22.45 24.51
N ARG A 290 -2.88 22.71 25.20
CA ARG A 290 -2.62 24.01 25.78
C ARG A 290 -1.78 24.73 24.75
N LEU A 291 -2.39 25.67 24.03
CA LEU A 291 -1.74 26.51 23.01
C LEU A 291 -2.13 27.93 23.31
N GLU A 292 -1.33 28.54 24.16
CA GLU A 292 -1.61 29.88 24.65
C GLU A 292 -0.37 30.61 25.11
N ARG A 293 -0.50 31.93 25.18
CA ARG A 293 0.54 32.81 25.66
C ARG A 293 0.46 32.90 27.19
N GLU A 294 1.59 33.14 27.84
CA GLU A 294 1.69 33.38 29.28
C GLU A 294 2.86 34.33 29.60
N GLN A 295 2.60 35.34 30.43
CA GLN A 295 3.61 36.30 30.91
C GLN A 295 4.12 35.72 32.23
N LEU A 296 5.35 35.20 32.23
CA LEU A 296 5.93 34.55 33.40
C LEU A 296 6.53 35.54 34.38
N ARG A 297 6.10 35.47 35.65
CA ARG A 297 6.53 36.42 36.69
C ARG A 297 7.49 35.82 37.70
N THR A 298 8.63 35.33 37.20
CA THR A 298 9.68 34.73 38.02
C THR A 298 11.05 35.29 37.64
N GLY A 299 11.44 36.36 38.35
CA GLY A 299 12.67 37.09 38.15
C GLY A 299 12.47 38.59 37.98
N PRO A 300 13.56 39.39 37.84
CA PRO A 300 13.43 40.86 37.68
C PRO A 300 12.65 41.35 36.46
N SER A 301 12.44 40.48 35.50
CA SER A 301 11.68 40.80 34.29
C SER A 301 10.57 39.76 34.07
N ASN A 302 9.62 40.06 33.20
CA ASN A 302 8.56 39.13 32.82
C ASN A 302 8.97 38.54 31.47
N THR A 303 8.95 37.22 31.34
CA THR A 303 9.29 36.60 30.07
C THR A 303 8.02 36.17 29.36
N GLU A 304 7.91 36.46 28.07
CA GLU A 304 6.77 36.04 27.27
C GLU A 304 6.97 34.55 26.94
N VAL A 305 5.97 33.72 27.26
CA VAL A 305 6.02 32.27 27.00
C VAL A 305 4.90 31.88 26.04
N ILE A 306 5.20 30.97 25.11
CA ILE A 306 4.15 30.38 24.27
C ILE A 306 4.10 28.90 24.64
N HIS A 307 2.98 28.45 25.20
CA HIS A 307 2.82 27.03 25.51
C HIS A 307 2.27 26.30 24.27
N ASN A 308 2.84 25.13 23.91
CA ASN A 308 2.29 24.35 22.79
C ASN A 308 2.51 22.88 23.10
N TYR A 309 1.65 22.34 23.95
CA TYR A 309 1.79 20.95 24.36
C TYR A 309 0.40 20.35 24.65
N GLY A 310 0.39 19.05 24.93
CA GLY A 310 -0.84 18.33 25.24
C GLY A 310 -1.55 17.81 24.00
N HIS A 311 -0.78 17.37 22.98
CA HIS A 311 -1.33 16.85 21.72
C HIS A 311 -1.76 15.36 21.68
N GLY A 312 -1.75 14.66 22.82
CA GLY A 312 -2.20 13.26 22.91
C GLY A 312 -1.70 12.33 21.82
N GLY A 313 -2.62 11.58 21.22
CA GLY A 313 -2.35 10.63 20.15
C GLY A 313 -2.63 11.20 18.77
N TYR A 314 -2.55 12.54 18.63
CA TYR A 314 -2.83 13.15 17.34
C TYR A 314 -1.94 14.35 17.02
N GLY A 315 -0.74 14.37 17.59
CA GLY A 315 0.23 15.45 17.39
C GLY A 315 0.66 15.61 15.94
N LEU A 316 0.85 14.50 15.23
CA LEU A 316 1.23 14.57 13.81
C LEU A 316 0.10 15.04 12.94
N THR A 317 -1.10 14.60 13.26
CA THR A 317 -2.36 14.96 12.61
C THR A 317 -2.62 16.49 12.68
N ILE A 318 -2.32 17.10 13.84
CA ILE A 318 -2.65 18.51 14.09
C ILE A 318 -1.48 19.52 14.08
N HIS A 319 -0.21 19.03 14.08
CA HIS A 319 0.95 19.90 14.28
C HIS A 319 1.02 21.22 13.53
N TRP A 320 0.57 21.25 12.25
CA TRP A 320 0.72 22.42 11.40
C TRP A 320 -0.26 23.53 11.69
N GLY A 321 -1.51 23.17 11.95
CA GLY A 321 -2.51 24.12 12.37
C GLY A 321 -2.14 24.74 13.70
N CYS A 322 -1.51 23.94 14.63
CA CYS A 322 -1.00 24.39 15.94
C CYS A 322 0.22 25.31 15.75
N ALA A 323 1.16 24.94 14.85
CA ALA A 323 2.36 25.71 14.58
C ALA A 323 2.02 27.09 14.01
N LEU A 324 0.95 27.16 13.17
CA LEU A 324 0.41 28.40 12.56
C LEU A 324 -0.24 29.29 13.60
N GLU A 325 -0.94 28.68 14.56
CA GLU A 325 -1.55 29.38 15.69
C GLU A 325 -0.46 29.93 16.62
N ALA A 326 0.58 29.14 16.92
CA ALA A 326 1.70 29.59 17.75
C ALA A 326 2.39 30.81 17.12
N ALA A 327 2.56 30.78 15.77
CA ALA A 327 3.14 31.88 15.02
C ALA A 327 2.31 33.16 15.13
N LYS A 328 0.96 33.04 15.05
CA LYS A 328 0.03 34.17 15.20
C LYS A 328 0.18 34.79 16.60
N LEU A 329 0.36 33.94 17.63
CA LEU A 329 0.58 34.38 19.03
C LEU A 329 1.95 35.08 19.11
N PHE A 330 2.95 34.58 18.35
CA PHE A 330 4.29 35.18 18.31
C PHE A 330 4.22 36.61 17.72
N GLY A 331 3.43 36.77 16.66
CA GLY A 331 3.18 38.06 16.02
C GLY A 331 2.53 39.06 16.95
N ARG A 332 1.66 38.59 17.85
CA ARG A 332 0.97 39.44 18.85
C ARG A 332 1.97 39.96 19.88
N ILE A 333 2.98 39.14 20.22
CA ILE A 333 4.08 39.50 21.13
C ILE A 333 4.89 40.67 20.52
N LEU A 334 5.41 40.47 19.28
CA LEU A 334 6.20 41.48 18.54
C LEU A 334 5.42 42.76 18.42
N GLU A 335 4.11 42.66 18.13
CA GLU A 335 3.15 43.78 18.02
C GLU A 335 2.99 44.56 19.34
N GLU A 336 3.17 43.89 20.49
CA GLU A 336 3.05 44.54 21.80
C GLU A 336 4.33 45.22 22.22
N LYS A 337 5.49 44.60 21.88
CA LYS A 337 6.83 45.15 22.18
C LYS A 337 7.12 46.43 21.34
N LYS A 338 6.05 47.02 20.73
CA LYS A 338 6.00 48.25 19.91
C LYS A 338 7.08 48.25 18.83
N LEU A 339 7.18 47.12 18.11
CA LEU A 339 8.17 46.89 17.06
C LEU A 339 7.57 46.11 15.86
N SER A 340 6.28 46.33 15.54
CA SER A 340 5.60 45.66 14.42
C SER A 340 4.49 46.51 13.78
N MET B 1 -4.20 -44.00 -18.57
CA MET B 1 -4.61 -42.66 -18.14
C MET B 1 -3.39 -41.71 -18.08
N ARG B 2 -2.78 -41.47 -19.27
CA ARG B 2 -1.60 -40.61 -19.44
CA ARG B 2 -1.60 -40.62 -19.45
C ARG B 2 -1.96 -39.23 -19.98
N VAL B 3 -1.65 -38.19 -19.18
CA VAL B 3 -1.92 -36.78 -19.49
C VAL B 3 -0.61 -35.99 -19.48
N VAL B 4 -0.36 -35.21 -20.54
CA VAL B 4 0.83 -34.38 -20.63
C VAL B 4 0.36 -32.94 -20.73
N VAL B 5 0.88 -32.06 -19.86
CA VAL B 5 0.56 -30.64 -19.86
C VAL B 5 1.77 -29.95 -20.50
N ILE B 6 1.54 -29.18 -21.59
CA ILE B 6 2.66 -28.47 -22.23
C ILE B 6 2.59 -27.03 -21.74
N GLY B 7 3.61 -26.59 -21.01
CA GLY B 7 3.68 -25.24 -20.46
C GLY B 7 3.77 -25.20 -18.94
N ALA B 8 4.65 -24.32 -18.40
CA ALA B 8 4.81 -24.17 -16.94
C ALA B 8 4.60 -22.74 -16.44
N GLY B 9 3.83 -21.97 -17.20
CA GLY B 9 3.42 -20.62 -16.80
C GLY B 9 2.18 -20.79 -15.94
N VAL B 10 1.51 -19.71 -15.57
CA VAL B 10 0.31 -19.82 -14.72
C VAL B 10 -0.82 -20.69 -15.33
N ILE B 11 -0.89 -20.71 -16.65
CA ILE B 11 -1.92 -21.47 -17.36
C ILE B 11 -1.74 -22.97 -17.16
N GLY B 12 -0.60 -23.50 -17.62
CA GLY B 12 -0.33 -24.93 -17.52
C GLY B 12 -0.34 -25.44 -16.10
N LEU B 13 0.34 -24.71 -15.20
CA LEU B 13 0.45 -25.07 -13.79
C LEU B 13 -0.87 -25.15 -13.04
N SER B 14 -1.74 -24.11 -13.18
CA SER B 14 -3.06 -24.14 -12.52
C SER B 14 -3.94 -25.17 -13.16
N THR B 15 -3.78 -25.40 -14.49
CA THR B 15 -4.58 -26.40 -15.20
C THR B 15 -4.23 -27.78 -14.67
N ALA B 16 -2.91 -28.09 -14.58
CA ALA B 16 -2.38 -29.34 -14.07
C ALA B 16 -2.93 -29.63 -12.68
N LEU B 17 -2.92 -28.60 -11.81
CA LEU B 17 -3.38 -28.72 -10.42
C LEU B 17 -4.88 -28.96 -10.32
N CYS B 18 -5.66 -28.20 -11.08
CA CYS B 18 -7.11 -28.27 -11.13
CA CYS B 18 -7.13 -28.29 -11.18
C CYS B 18 -7.57 -29.66 -11.65
N ILE B 19 -6.92 -30.19 -12.71
CA ILE B 19 -7.24 -31.49 -13.28
C ILE B 19 -6.94 -32.54 -12.22
N HIS B 20 -5.74 -32.46 -11.61
CA HIS B 20 -5.35 -33.40 -10.56
C HIS B 20 -6.31 -33.42 -9.34
N GLU B 21 -6.68 -32.24 -8.77
CA GLU B 21 -7.60 -32.21 -7.61
C GLU B 21 -8.96 -32.84 -7.91
N ARG B 22 -9.45 -32.62 -9.14
CA ARG B 22 -10.75 -33.06 -9.59
C ARG B 22 -10.78 -34.47 -10.19
N TYR B 23 -9.67 -34.97 -10.77
CA TYR B 23 -9.71 -36.28 -11.43
C TYR B 23 -8.83 -37.39 -10.90
N HIS B 24 -7.92 -37.08 -9.97
CA HIS B 24 -7.08 -38.12 -9.39
C HIS B 24 -7.91 -38.95 -8.42
N SER B 25 -7.61 -40.25 -8.38
CA SER B 25 -8.27 -41.26 -7.56
C SER B 25 -7.30 -42.42 -7.42
N VAL B 26 -7.36 -43.17 -6.30
CA VAL B 26 -6.51 -44.36 -6.18
C VAL B 26 -7.18 -45.49 -7.00
N LEU B 27 -8.55 -45.47 -7.06
CA LEU B 27 -9.35 -46.41 -7.87
C LEU B 27 -8.91 -46.33 -9.33
N GLN B 28 -8.88 -45.10 -9.88
CA GLN B 28 -8.42 -44.84 -11.24
C GLN B 28 -7.26 -43.79 -11.16
N PRO B 29 -5.98 -44.26 -11.12
CA PRO B 29 -4.86 -43.31 -11.04
C PRO B 29 -4.68 -42.49 -12.31
N LEU B 30 -4.27 -41.24 -12.14
CA LEU B 30 -4.08 -40.29 -13.23
C LEU B 30 -2.61 -39.89 -13.32
N ASP B 31 -1.95 -40.30 -14.42
CA ASP B 31 -0.55 -39.95 -14.62
C ASP B 31 -0.50 -38.62 -15.35
N ILE B 32 0.17 -37.63 -14.73
CA ILE B 32 0.30 -36.26 -15.22
C ILE B 32 1.76 -35.84 -15.28
N LYS B 33 2.19 -35.39 -16.47
CA LYS B 33 3.53 -34.86 -16.69
C LYS B 33 3.41 -33.46 -17.25
N VAL B 34 4.31 -32.60 -16.82
CA VAL B 34 4.43 -31.22 -17.28
C VAL B 34 5.73 -31.15 -18.10
N TYR B 35 5.62 -30.78 -19.37
CA TYR B 35 6.77 -30.57 -20.25
C TYR B 35 6.81 -29.05 -20.49
N ALA B 36 7.99 -28.43 -20.32
CA ALA B 36 8.15 -27.00 -20.55
C ALA B 36 9.57 -26.63 -20.91
N ASP B 37 9.69 -25.67 -21.79
CA ASP B 37 10.92 -25.12 -22.33
C ASP B 37 11.51 -24.12 -21.32
N ARG B 38 10.64 -23.36 -20.65
CA ARG B 38 11.01 -22.31 -19.69
C ARG B 38 10.17 -22.45 -18.42
N PHE B 39 10.82 -22.38 -17.25
CA PHE B 39 10.20 -22.46 -15.92
C PHE B 39 10.48 -21.17 -15.18
N THR B 40 9.76 -20.92 -14.07
CA THR B 40 9.96 -19.76 -13.19
C THR B 40 11.45 -19.64 -12.76
N PRO B 41 12.11 -18.46 -12.79
CA PRO B 41 11.58 -17.09 -13.01
C PRO B 41 11.62 -16.59 -14.47
N LEU B 42 11.71 -17.52 -15.43
CA LEU B 42 11.87 -17.19 -16.84
C LEU B 42 10.66 -17.40 -17.76
N THR B 43 9.43 -17.29 -17.22
CA THR B 43 8.21 -17.38 -18.04
C THR B 43 7.64 -15.97 -18.17
N THR B 44 6.62 -15.80 -19.06
CA THR B 44 5.90 -14.53 -19.25
C THR B 44 5.19 -14.20 -17.94
N THR B 45 4.70 -15.25 -17.23
CA THR B 45 4.01 -15.14 -15.95
C THR B 45 4.86 -14.39 -14.89
N ASP B 46 6.17 -14.60 -14.93
CA ASP B 46 7.12 -13.93 -14.04
C ASP B 46 7.31 -12.45 -14.29
N VAL B 47 6.98 -11.97 -15.51
CA VAL B 47 7.10 -10.55 -15.93
C VAL B 47 5.90 -9.72 -15.44
N ALA B 48 4.75 -10.36 -15.28
CA ALA B 48 3.52 -9.73 -14.83
C ALA B 48 3.66 -9.15 -13.41
N ALA B 49 2.96 -8.02 -13.17
CA ALA B 49 2.85 -7.37 -11.87
C ALA B 49 1.96 -8.30 -10.99
N GLY B 50 0.98 -8.92 -11.63
CA GLY B 50 0.00 -9.82 -11.05
C GLY B 50 -1.24 -9.10 -10.57
N LEU B 51 -1.52 -7.88 -11.07
CA LEU B 51 -2.73 -7.20 -10.62
C LEU B 51 -3.93 -7.83 -11.32
N TRP B 52 -5.05 -8.03 -10.58
CA TRP B 52 -6.30 -8.53 -11.13
C TRP B 52 -7.03 -7.36 -11.76
N GLN B 53 -7.13 -7.39 -13.08
CA GLN B 53 -7.91 -6.41 -13.81
C GLN B 53 -8.15 -6.85 -15.23
N PRO B 54 -9.39 -7.29 -15.54
CA PRO B 54 -9.74 -7.65 -16.93
C PRO B 54 -9.77 -6.39 -17.79
N TYR B 55 -10.01 -6.54 -19.11
CA TYR B 55 -10.21 -5.40 -20.01
C TYR B 55 -11.37 -4.54 -19.47
N LEU B 56 -11.37 -3.25 -19.84
CA LEU B 56 -12.40 -2.31 -19.41
C LEU B 56 -13.76 -2.58 -20.02
N SER B 57 -13.78 -2.94 -21.31
CA SER B 57 -14.98 -3.24 -22.09
C SER B 57 -15.28 -4.73 -22.09
N ASP B 58 -16.58 -5.05 -22.28
CA ASP B 58 -17.13 -6.40 -22.29
C ASP B 58 -16.35 -7.31 -23.29
N PRO B 59 -15.87 -8.49 -22.83
CA PRO B 59 -15.06 -9.34 -23.72
C PRO B 59 -15.82 -9.91 -24.93
N ASN B 60 -15.07 -10.20 -26.02
CA ASN B 60 -15.58 -10.81 -27.26
C ASN B 60 -16.41 -12.08 -26.91
N ASN B 61 -16.01 -12.74 -25.79
CA ASN B 61 -16.67 -13.89 -25.22
C ASN B 61 -17.10 -13.53 -23.77
N PRO B 62 -18.43 -13.38 -23.49
CA PRO B 62 -18.87 -13.08 -22.09
C PRO B 62 -18.50 -14.15 -21.05
N GLN B 63 -18.05 -15.32 -21.54
CA GLN B 63 -17.57 -16.45 -20.72
C GLN B 63 -16.28 -16.01 -20.00
N GLU B 64 -15.48 -15.14 -20.65
CA GLU B 64 -14.23 -14.63 -20.07
C GLU B 64 -14.48 -13.82 -18.80
N ALA B 65 -15.57 -13.01 -18.76
CA ALA B 65 -15.94 -12.21 -17.57
C ALA B 65 -16.26 -13.14 -16.38
N ASP B 66 -16.89 -14.30 -16.64
CA ASP B 66 -17.21 -15.32 -15.65
C ASP B 66 -15.96 -15.97 -15.14
N TRP B 67 -14.98 -16.26 -16.04
CA TRP B 67 -13.69 -16.86 -15.72
C TRP B 67 -12.84 -15.92 -14.87
N SER B 68 -12.89 -14.59 -15.17
CA SER B 68 -12.20 -13.59 -14.35
C SER B 68 -12.89 -13.46 -12.96
N GLN B 69 -14.25 -13.42 -12.93
CA GLN B 69 -14.99 -13.33 -11.67
C GLN B 69 -14.74 -14.55 -10.79
N GLN B 70 -14.68 -15.75 -11.39
CA GLN B 70 -14.39 -16.98 -10.65
C GLN B 70 -12.95 -16.92 -10.05
N THR B 71 -11.98 -16.32 -10.79
CA THR B 71 -10.58 -16.20 -10.33
C THR B 71 -10.51 -15.23 -9.14
N PHE B 72 -11.19 -14.07 -9.23
CA PHE B 72 -11.21 -13.07 -8.16
C PHE B 72 -11.75 -13.71 -6.89
N ASP B 73 -12.93 -14.36 -6.99
CA ASP B 73 -13.59 -14.98 -5.83
C ASP B 73 -12.75 -16.07 -5.16
N TYR B 74 -11.99 -16.83 -5.96
CA TYR B 74 -11.07 -17.88 -5.52
C TYR B 74 -9.88 -17.28 -4.77
N LEU B 75 -9.26 -16.22 -5.33
CA LEU B 75 -8.11 -15.57 -4.72
C LEU B 75 -8.51 -14.81 -3.47
N LEU B 76 -9.70 -14.17 -3.51
CA LEU B 76 -10.24 -13.46 -2.35
C LEU B 76 -10.47 -14.39 -1.11
N SER B 77 -10.71 -15.71 -1.32
CA SER B 77 -10.92 -16.68 -0.23
C SER B 77 -9.63 -17.15 0.42
N HIS B 78 -8.48 -16.96 -0.28
CA HIS B 78 -7.18 -17.34 0.23
CA HIS B 78 -7.14 -17.35 0.15
C HIS B 78 -6.35 -16.16 0.72
N VAL B 79 -6.83 -14.92 0.47
CA VAL B 79 -6.16 -13.66 0.90
C VAL B 79 -5.87 -13.51 2.41
N HIS B 80 -6.76 -14.03 3.28
CA HIS B 80 -6.59 -13.97 4.73
C HIS B 80 -6.18 -15.32 5.33
N SER B 81 -5.29 -16.04 4.63
CA SER B 81 -4.76 -17.33 5.07
C SER B 81 -3.26 -17.21 5.38
N PRO B 82 -2.63 -18.11 6.21
CA PRO B 82 -1.17 -18.01 6.41
C PRO B 82 -0.39 -18.39 5.13
N ASN B 83 -1.06 -19.14 4.23
CA ASN B 83 -0.52 -19.57 2.95
C ASN B 83 -0.48 -18.41 1.91
N ALA B 84 -1.27 -17.30 2.14
CA ALA B 84 -1.36 -16.14 1.23
C ALA B 84 -0.03 -15.57 0.74
N GLU B 85 0.96 -15.46 1.65
N GLU B 85 0.97 -15.45 1.61
CA GLU B 85 2.31 -14.93 1.40
CA GLU B 85 2.26 -14.92 1.16
C GLU B 85 3.12 -15.86 0.48
C GLU B 85 3.15 -15.89 0.42
N ASN B 86 2.86 -17.18 0.53
CA ASN B 86 3.55 -18.21 -0.27
C ASN B 86 3.01 -18.10 -1.71
N LEU B 87 1.77 -17.62 -1.87
CA LEU B 87 1.11 -17.43 -3.17
C LEU B 87 1.56 -16.13 -3.85
N GLY B 88 2.01 -15.14 -3.08
CA GLY B 88 2.31 -13.82 -3.61
C GLY B 88 1.02 -13.02 -3.71
N LEU B 89 0.02 -13.43 -2.88
CA LEU B 89 -1.33 -12.89 -2.83
C LEU B 89 -1.50 -11.82 -1.75
N PHE B 90 -2.12 -10.68 -2.12
CA PHE B 90 -2.44 -9.56 -1.21
C PHE B 90 -3.43 -8.57 -1.81
N LEU B 91 -4.21 -7.88 -0.95
CA LEU B 91 -5.15 -6.84 -1.34
C LEU B 91 -4.44 -5.54 -1.64
N ILE B 92 -4.97 -4.78 -2.64
CA ILE B 92 -4.43 -3.46 -2.98
C ILE B 92 -5.50 -2.60 -3.59
N SER B 93 -5.50 -1.33 -3.26
CA SER B 93 -6.45 -0.36 -3.78
C SER B 93 -5.72 0.54 -4.75
N GLY B 94 -6.49 1.21 -5.61
CA GLY B 94 -5.85 2.09 -6.57
C GLY B 94 -6.73 2.84 -7.54
N TYR B 95 -6.07 3.53 -8.46
CA TYR B 95 -6.66 4.48 -9.40
C TYR B 95 -6.62 4.02 -10.84
N ASN B 96 -7.70 4.29 -11.57
CA ASN B 96 -7.81 4.10 -13.02
C ASN B 96 -8.10 5.49 -13.52
N LEU B 97 -7.19 6.00 -14.34
CA LEU B 97 -7.28 7.40 -14.81
C LEU B 97 -7.63 7.53 -16.26
N PHE B 98 -8.53 8.46 -16.55
CA PHE B 98 -9.00 8.67 -17.93
C PHE B 98 -9.09 10.17 -18.23
N HIS B 99 -9.25 10.49 -19.51
CA HIS B 99 -9.43 11.85 -19.99
C HIS B 99 -10.91 12.13 -20.22
N GLU B 100 -11.76 11.09 -20.08
CA GLU B 100 -13.19 11.22 -20.33
C GLU B 100 -14.01 10.21 -19.51
N ALA B 101 -15.35 10.40 -19.49
CA ALA B 101 -16.29 9.53 -18.78
C ALA B 101 -16.61 8.25 -19.54
N ILE B 102 -15.66 7.30 -19.53
CA ILE B 102 -15.82 6.00 -20.20
C ILE B 102 -16.90 5.18 -19.45
N PRO B 103 -17.55 4.19 -20.10
CA PRO B 103 -18.57 3.39 -19.40
C PRO B 103 -17.96 2.58 -18.24
N ASP B 104 -18.78 2.28 -17.21
CA ASP B 104 -18.37 1.44 -16.08
C ASP B 104 -17.98 0.05 -16.59
N PRO B 105 -17.02 -0.63 -15.95
CA PRO B 105 -16.60 -1.93 -16.48
C PRO B 105 -17.54 -3.05 -16.00
N SER B 106 -17.66 -4.13 -16.77
CA SER B 106 -18.49 -5.30 -16.40
C SER B 106 -18.15 -5.90 -15.01
N TRP B 107 -16.88 -5.70 -14.56
CA TRP B 107 -16.34 -6.18 -13.30
C TRP B 107 -16.45 -5.18 -12.12
N LYS B 108 -17.26 -4.12 -12.23
CA LYS B 108 -17.45 -3.12 -11.16
C LYS B 108 -17.93 -3.72 -9.82
N ASP B 109 -18.69 -4.81 -9.89
CA ASP B 109 -19.26 -5.45 -8.72
C ASP B 109 -18.48 -6.67 -8.25
N THR B 110 -17.46 -7.08 -9.01
CA THR B 110 -16.58 -8.19 -8.65
C THR B 110 -15.50 -7.63 -7.69
N VAL B 111 -14.88 -6.48 -8.06
CA VAL B 111 -13.89 -5.81 -7.19
C VAL B 111 -14.57 -5.24 -5.91
N LEU B 112 -13.76 -4.85 -4.92
CA LEU B 112 -14.24 -4.29 -3.65
C LEU B 112 -14.33 -2.75 -3.65
N GLY B 113 -15.49 -2.22 -3.29
CA GLY B 113 -15.72 -0.78 -3.20
C GLY B 113 -15.45 0.11 -4.41
N PHE B 114 -15.88 -0.32 -5.60
CA PHE B 114 -15.74 0.46 -6.83
C PHE B 114 -16.54 1.77 -6.72
N ARG B 115 -15.92 2.89 -7.17
CA ARG B 115 -16.52 4.22 -7.16
C ARG B 115 -15.80 5.10 -8.15
N LYS B 116 -16.42 6.23 -8.49
CA LYS B 116 -15.78 7.26 -9.31
C LYS B 116 -14.84 8.05 -8.38
N LEU B 117 -13.84 8.71 -8.96
CA LEU B 117 -12.91 9.60 -8.27
C LEU B 117 -13.54 10.97 -8.05
N THR B 118 -13.27 11.57 -6.90
CA THR B 118 -13.81 12.89 -6.53
C THR B 118 -12.89 14.01 -7.08
N PRO B 119 -13.38 15.27 -7.11
CA PRO B 119 -12.51 16.38 -7.55
C PRO B 119 -11.13 16.48 -6.87
N ARG B 120 -11.04 16.42 -5.52
CA ARG B 120 -9.76 16.53 -4.81
CA ARG B 120 -9.76 16.52 -4.78
C ARG B 120 -8.79 15.39 -5.14
N GLU B 121 -9.32 14.19 -5.41
CA GLU B 121 -8.52 13.04 -5.81
C GLU B 121 -7.95 13.28 -7.18
N LEU B 122 -8.78 13.79 -8.09
CA LEU B 122 -8.34 14.08 -9.45
C LEU B 122 -7.35 15.25 -9.50
N ASP B 123 -7.41 16.18 -8.54
CA ASP B 123 -6.46 17.29 -8.43
C ASP B 123 -5.02 16.78 -8.22
N MET B 124 -4.85 15.51 -7.81
CA MET B 124 -3.52 14.87 -7.65
C MET B 124 -2.94 14.42 -9.02
N PHE B 125 -3.80 14.30 -10.03
CA PHE B 125 -3.40 13.87 -11.37
C PHE B 125 -3.91 14.92 -12.35
N PRO B 126 -3.18 16.07 -12.53
CA PRO B 126 -3.69 17.17 -13.38
C PRO B 126 -3.89 16.81 -14.86
N ASP B 127 -3.16 15.80 -15.34
CA ASP B 127 -3.23 15.32 -16.72
C ASP B 127 -4.50 14.51 -17.02
N TYR B 128 -5.28 14.14 -15.99
CA TYR B 128 -6.47 13.30 -16.13
C TYR B 128 -7.68 13.99 -15.51
N GLY B 129 -8.88 13.76 -16.04
CA GLY B 129 -10.09 14.43 -15.55
C GLY B 129 -11.24 13.54 -15.13
N TYR B 130 -11.03 12.22 -15.14
CA TYR B 130 -12.04 11.24 -14.73
C TYR B 130 -11.33 9.97 -14.33
N GLY B 131 -11.99 9.21 -13.48
CA GLY B 131 -11.49 7.90 -13.15
C GLY B 131 -12.23 7.13 -12.09
N TRP B 132 -11.61 6.04 -11.73
CA TRP B 132 -12.14 5.16 -10.71
C TRP B 132 -11.14 4.92 -9.60
N PHE B 133 -11.67 4.44 -8.47
CA PHE B 133 -10.96 3.92 -7.34
C PHE B 133 -11.68 2.63 -6.94
N HIS B 134 -10.92 1.59 -6.64
CA HIS B 134 -11.45 0.32 -6.16
C HIS B 134 -10.35 -0.44 -5.43
N THR B 135 -10.71 -1.55 -4.82
CA THR B 135 -9.78 -2.46 -4.16
C THR B 135 -9.80 -3.77 -4.92
N SER B 136 -8.61 -4.21 -5.32
CA SER B 136 -8.44 -5.44 -6.08
C SER B 136 -7.38 -6.26 -5.35
N LEU B 137 -6.75 -7.19 -6.08
CA LEU B 137 -5.77 -8.13 -5.56
CA LEU B 137 -5.71 -8.03 -5.51
C LEU B 137 -4.57 -8.23 -6.48
N ILE B 138 -3.40 -8.50 -5.92
CA ILE B 138 -2.17 -8.77 -6.66
C ILE B 138 -1.80 -10.24 -6.40
N LEU B 139 -1.45 -10.99 -7.46
CA LEU B 139 -0.96 -12.35 -7.35
C LEU B 139 0.37 -12.35 -8.09
N GLU B 140 1.47 -12.32 -7.34
CA GLU B 140 2.79 -12.26 -7.96
C GLU B 140 3.19 -13.62 -8.54
N GLY B 141 3.35 -13.66 -9.86
CA GLY B 141 3.68 -14.87 -10.60
C GLY B 141 4.86 -15.68 -10.12
N LYS B 142 5.96 -15.02 -9.68
CA LYS B 142 7.16 -15.74 -9.20
C LYS B 142 6.92 -16.55 -7.92
N ASN B 143 5.99 -16.09 -7.06
CA ASN B 143 5.66 -16.83 -5.85
C ASN B 143 4.57 -17.83 -6.16
N TYR B 144 3.57 -17.42 -6.94
CA TYR B 144 2.46 -18.30 -7.30
C TYR B 144 2.93 -19.51 -8.09
N LEU B 145 3.87 -19.31 -9.04
CA LEU B 145 4.46 -20.37 -9.88
C LEU B 145 5.25 -21.38 -9.06
N GLN B 146 5.96 -20.87 -8.01
CA GLN B 146 6.73 -21.74 -7.12
C GLN B 146 5.79 -22.50 -6.20
N TRP B 147 4.68 -21.85 -5.78
CA TRP B 147 3.68 -22.45 -4.90
C TRP B 147 2.88 -23.54 -5.62
N LEU B 148 2.47 -23.26 -6.90
CA LEU B 148 1.74 -24.24 -7.70
C LEU B 148 2.59 -25.47 -7.94
N THR B 149 3.89 -25.28 -8.23
CA THR B 149 4.87 -26.34 -8.47
C THR B 149 5.00 -27.25 -7.24
N GLU B 150 5.12 -26.63 -6.05
CA GLU B 150 5.26 -27.32 -4.77
C GLU B 150 4.08 -28.23 -4.49
N ARG B 151 2.86 -27.73 -4.75
CA ARG B 151 1.59 -28.43 -4.59
C ARG B 151 1.41 -29.52 -5.65
N LEU B 152 2.01 -29.35 -6.84
CA LEU B 152 1.96 -30.32 -7.95
C LEU B 152 2.92 -31.49 -7.66
N THR B 153 4.19 -31.19 -7.31
CA THR B 153 5.23 -32.16 -6.95
C THR B 153 4.78 -33.07 -5.79
N GLU B 154 4.04 -32.51 -4.81
CA GLU B 154 3.53 -33.28 -3.68
C GLU B 154 2.30 -34.12 -4.02
N ARG B 155 1.65 -33.83 -5.17
CA ARG B 155 0.49 -34.61 -5.62
C ARG B 155 0.87 -35.76 -6.59
N GLY B 156 2.16 -35.86 -6.90
CA GLY B 156 2.73 -36.90 -7.76
C GLY B 156 3.14 -36.47 -9.16
N VAL B 157 3.02 -35.15 -9.47
CA VAL B 157 3.32 -34.60 -10.79
C VAL B 157 4.82 -34.44 -11.06
N LYS B 158 5.30 -35.07 -12.15
CA LYS B 158 6.69 -34.98 -12.59
C LYS B 158 6.84 -33.84 -13.61
N PHE B 159 7.94 -33.10 -13.51
CA PHE B 159 8.26 -31.96 -14.37
C PHE B 159 9.42 -32.34 -15.27
N PHE B 160 9.36 -31.95 -16.57
CA PHE B 160 10.40 -32.26 -17.54
C PHE B 160 10.78 -31.08 -18.37
N GLN B 161 12.08 -30.82 -18.42
CA GLN B 161 12.66 -29.72 -19.17
C GLN B 161 12.79 -30.21 -20.61
N ARG B 162 11.91 -29.73 -21.50
CA ARG B 162 11.92 -30.09 -22.91
C ARG B 162 11.13 -29.16 -23.81
N LYS B 163 11.68 -28.91 -25.01
CA LYS B 163 11.08 -28.14 -26.07
C LYS B 163 10.32 -29.18 -26.92
N VAL B 164 8.97 -29.09 -26.88
CA VAL B 164 8.10 -29.99 -27.63
C VAL B 164 8.07 -29.47 -29.07
N GLU B 165 8.39 -30.35 -30.03
CA GLU B 165 8.41 -30.04 -31.47
C GLU B 165 7.04 -30.26 -32.13
N SER B 166 6.29 -31.27 -31.66
CA SER B 166 4.97 -31.56 -32.21
C SER B 166 4.06 -32.27 -31.23
N PHE B 167 2.73 -32.14 -31.39
CA PHE B 167 1.75 -32.83 -30.54
C PHE B 167 1.86 -34.32 -30.77
N GLU B 168 2.11 -34.71 -32.04
CA GLU B 168 2.24 -36.10 -32.51
C GLU B 168 3.44 -36.78 -31.88
N GLU B 169 4.52 -36.03 -31.63
CA GLU B 169 5.73 -36.51 -30.95
C GLU B 169 5.32 -37.03 -29.54
N VAL B 170 4.50 -36.23 -28.81
CA VAL B 170 3.98 -36.52 -27.47
C VAL B 170 2.91 -37.65 -27.55
N ALA B 171 2.04 -37.61 -28.57
CA ALA B 171 1.00 -38.61 -28.79
C ALA B 171 1.62 -40.00 -29.02
N ARG B 172 2.75 -40.07 -29.77
CA ARG B 172 3.52 -41.29 -30.09
CA ARG B 172 3.43 -41.33 -30.05
C ARG B 172 4.11 -41.98 -28.85
N GLU B 173 4.50 -41.18 -27.83
CA GLU B 173 5.08 -41.71 -26.60
C GLU B 173 4.05 -42.20 -25.57
N GLY B 174 2.76 -42.11 -25.91
CA GLY B 174 1.69 -42.65 -25.07
C GLY B 174 0.69 -41.70 -24.44
N ALA B 175 0.80 -40.39 -24.71
CA ALA B 175 -0.12 -39.41 -24.12
C ALA B 175 -1.54 -39.58 -24.64
N ASP B 176 -2.50 -39.80 -23.73
CA ASP B 176 -3.92 -39.97 -24.08
C ASP B 176 -4.60 -38.63 -24.23
N VAL B 177 -4.15 -37.65 -23.43
CA VAL B 177 -4.67 -36.28 -23.38
C VAL B 177 -3.48 -35.31 -23.36
N ILE B 178 -3.51 -34.32 -24.26
CA ILE B 178 -2.45 -33.30 -24.31
C ILE B 178 -3.06 -31.95 -23.92
N VAL B 179 -2.56 -31.33 -22.82
CA VAL B 179 -3.09 -30.01 -22.40
C VAL B 179 -2.13 -28.93 -22.92
N ASN B 180 -2.59 -28.18 -23.93
CA ASN B 180 -1.79 -27.17 -24.62
C ASN B 180 -1.86 -25.78 -24.00
N CYS B 181 -0.85 -25.49 -23.13
CA CYS B 181 -0.74 -24.22 -22.38
C CYS B 181 0.60 -23.54 -22.70
N THR B 182 0.81 -23.32 -23.99
CA THR B 182 2.05 -22.79 -24.56
C THR B 182 2.14 -21.30 -24.68
N GLY B 183 1.08 -20.60 -24.26
CA GLY B 183 1.04 -19.15 -24.32
C GLY B 183 1.25 -18.60 -25.72
N VAL B 184 2.15 -17.60 -25.83
CA VAL B 184 2.49 -16.88 -27.05
C VAL B 184 3.14 -17.75 -28.15
N TRP B 185 3.80 -18.86 -27.77
CA TRP B 185 4.51 -19.79 -28.68
C TRP B 185 3.66 -20.87 -29.31
N ALA B 186 2.37 -20.95 -28.98
CA ALA B 186 1.42 -21.96 -29.47
C ALA B 186 1.42 -22.19 -30.99
N GLY B 187 1.66 -21.13 -31.76
CA GLY B 187 1.73 -21.16 -33.21
C GLY B 187 2.77 -22.12 -33.75
N ALA B 188 3.79 -22.47 -32.93
CA ALA B 188 4.84 -23.44 -33.32
C ALA B 188 4.28 -24.86 -33.35
N LEU B 189 3.26 -25.15 -32.53
CA LEU B 189 2.67 -26.50 -32.52
C LEU B 189 1.48 -26.63 -33.44
N GLN B 190 0.79 -25.53 -33.69
CA GLN B 190 -0.35 -25.48 -34.61
C GLN B 190 -0.51 -24.04 -35.02
N ARG B 191 -0.55 -23.79 -36.32
CA ARG B 191 -0.74 -22.45 -36.86
C ARG B 191 -2.06 -21.85 -36.34
N ASP B 192 -1.96 -20.62 -35.86
CA ASP B 192 -3.07 -19.83 -35.35
C ASP B 192 -2.77 -18.37 -35.71
N PRO B 193 -3.30 -17.86 -36.85
CA PRO B 193 -3.02 -16.47 -37.24
C PRO B 193 -3.63 -15.40 -36.32
N LEU B 194 -4.53 -15.81 -35.40
CA LEU B 194 -5.17 -14.92 -34.41
C LEU B 194 -4.26 -14.68 -33.21
N LEU B 195 -3.25 -15.54 -33.01
CA LEU B 195 -2.28 -15.45 -31.92
C LEU B 195 -1.05 -14.65 -32.34
N GLN B 196 -0.78 -13.55 -31.61
CA GLN B 196 0.32 -12.62 -31.86
C GLN B 196 1.05 -12.21 -30.58
N PRO B 197 2.36 -11.87 -30.64
CA PRO B 197 3.02 -11.38 -29.42
C PRO B 197 2.64 -9.93 -29.13
N GLY B 198 2.33 -9.63 -27.87
CA GLY B 198 1.99 -8.28 -27.43
C GLY B 198 3.17 -7.86 -26.60
N ARG B 199 4.25 -7.44 -27.26
CA ARG B 199 5.52 -7.11 -26.62
C ARG B 199 5.38 -6.08 -25.49
N GLY B 200 5.93 -6.43 -24.34
CA GLY B 200 5.87 -5.60 -23.15
C GLY B 200 7.21 -5.38 -22.51
N GLN B 201 7.42 -4.18 -21.98
CA GLN B 201 8.62 -3.87 -21.23
C GLN B 201 8.18 -3.27 -19.90
N ILE B 202 8.85 -3.66 -18.81
CA ILE B 202 8.59 -3.18 -17.45
C ILE B 202 9.90 -2.85 -16.71
N MET B 203 9.81 -1.89 -15.78
CA MET B 203 10.91 -1.46 -14.90
C MET B 203 10.47 -1.82 -13.49
N LYS B 204 11.37 -2.36 -12.69
CA LYS B 204 11.15 -2.66 -11.28
C LYS B 204 11.95 -1.60 -10.53
N VAL B 205 11.28 -0.89 -9.63
CA VAL B 205 11.86 0.25 -8.91
C VAL B 205 11.68 0.10 -7.39
N ASP B 206 12.55 0.76 -6.59
CA ASP B 206 12.43 0.73 -5.14
C ASP B 206 11.71 2.01 -4.69
N ALA B 207 10.39 1.94 -4.46
CA ALA B 207 9.57 3.07 -4.02
C ALA B 207 8.56 2.53 -2.96
N PRO B 208 9.01 2.19 -1.73
CA PRO B 208 8.09 1.56 -0.76
C PRO B 208 6.98 2.43 -0.15
N TRP B 209 7.04 3.75 -0.36
CA TRP B 209 6.00 4.69 0.10
C TRP B 209 4.72 4.58 -0.81
N MET B 210 4.82 3.79 -1.91
CA MET B 210 3.77 3.60 -2.92
C MET B 210 2.83 2.50 -2.48
N LYS B 211 1.67 2.92 -1.97
CA LYS B 211 0.68 1.96 -1.45
C LYS B 211 -0.46 1.70 -2.42
N HIS B 212 -0.58 2.51 -3.50
CA HIS B 212 -1.66 2.36 -4.47
C HIS B 212 -1.19 2.04 -5.89
N PHE B 213 -2.01 1.25 -6.65
CA PHE B 213 -1.73 1.05 -8.06
C PHE B 213 -2.32 2.27 -8.75
N ILE B 214 -1.73 2.65 -9.87
CA ILE B 214 -2.18 3.77 -10.68
C ILE B 214 -2.11 3.30 -12.12
N LEU B 215 -3.26 3.23 -12.79
CA LEU B 215 -3.32 2.79 -14.20
C LEU B 215 -3.89 3.94 -15.03
N THR B 216 -3.27 4.30 -16.15
CA THR B 216 -3.75 5.37 -17.02
C THR B 216 -4.28 4.79 -18.32
N HIS B 217 -5.21 5.51 -18.97
CA HIS B 217 -5.85 5.05 -20.19
C HIS B 217 -5.95 6.18 -21.19
N ASP B 218 -5.40 5.95 -22.39
CA ASP B 218 -5.39 6.92 -23.48
C ASP B 218 -5.76 6.22 -24.78
N PRO B 219 -6.82 6.71 -25.48
CA PRO B 219 -7.21 6.09 -26.77
C PRO B 219 -6.11 6.21 -27.83
N GLU B 220 -5.40 7.35 -27.85
CA GLU B 220 -4.32 7.66 -28.79
C GLU B 220 -3.11 6.72 -28.63
N ARG B 221 -2.93 6.13 -27.44
CA ARG B 221 -1.83 5.19 -27.21
C ARG B 221 -2.29 3.73 -27.22
N GLY B 222 -3.58 3.51 -26.95
CA GLY B 222 -4.16 2.18 -26.93
C GLY B 222 -3.89 1.38 -25.66
N ILE B 223 -4.47 0.17 -25.60
CA ILE B 223 -4.40 -0.81 -24.50
C ILE B 223 -2.95 -1.10 -24.02
N TYR B 224 -2.73 -1.10 -22.68
CA TYR B 224 -1.44 -1.41 -22.01
C TYR B 224 -0.25 -0.58 -22.51
N ASN B 225 -0.50 0.56 -23.16
CA ASN B 225 0.52 1.37 -23.79
C ASN B 225 0.68 2.79 -23.20
N SER B 226 0.05 3.05 -22.06
CA SER B 226 0.15 4.33 -21.35
C SER B 226 0.62 4.05 -19.91
N PRO B 227 1.16 5.07 -19.17
CA PRO B 227 1.75 4.76 -17.85
C PRO B 227 0.93 4.00 -16.84
N TYR B 228 1.57 3.03 -16.20
CA TYR B 228 1.04 2.28 -15.08
C TYR B 228 2.08 2.08 -14.01
N ILE B 229 1.67 2.16 -12.73
CA ILE B 229 2.53 1.98 -11.56
C ILE B 229 1.85 0.93 -10.70
N ILE B 230 2.55 -0.19 -10.47
CA ILE B 230 1.93 -1.26 -9.70
C ILE B 230 2.85 -1.72 -8.56
N PRO B 231 2.52 -1.36 -7.32
CA PRO B 231 3.34 -1.79 -6.19
C PRO B 231 3.26 -3.30 -5.91
N GLY B 232 4.41 -3.95 -5.81
CA GLY B 232 4.46 -5.37 -5.46
C GLY B 232 4.81 -5.48 -4.00
N THR B 233 5.21 -6.70 -3.55
N THR B 233 5.21 -6.68 -3.55
CA THR B 233 5.60 -6.93 -2.15
CA THR B 233 5.61 -6.90 -2.16
C THR B 233 6.92 -6.23 -1.78
C THR B 233 6.89 -6.15 -1.81
N GLN B 234 7.96 -6.36 -2.62
CA GLN B 234 9.28 -5.77 -2.39
C GLN B 234 9.56 -4.57 -3.29
N THR B 235 8.99 -4.58 -4.49
CA THR B 235 9.30 -3.58 -5.51
C THR B 235 8.04 -3.01 -6.19
N VAL B 236 8.19 -1.91 -6.95
CA VAL B 236 7.11 -1.30 -7.72
C VAL B 236 7.34 -1.53 -9.23
N THR B 237 6.35 -2.14 -9.95
CA THR B 237 6.46 -2.34 -11.40
C THR B 237 6.04 -1.03 -12.05
N LEU B 238 6.85 -0.55 -12.98
CA LEU B 238 6.54 0.63 -13.80
C LEU B 238 6.31 0.06 -15.21
N GLY B 239 5.24 0.42 -15.87
CA GLY B 239 5.02 -0.11 -17.19
C GLY B 239 4.31 0.84 -18.10
N GLY B 240 3.83 0.26 -19.20
CA GLY B 240 3.11 1.00 -20.22
C GLY B 240 3.65 0.88 -21.62
N ILE B 241 4.10 -0.36 -22.02
CA ILE B 241 4.62 -0.69 -23.36
CA ILE B 241 4.57 -0.68 -23.37
C ILE B 241 3.85 -1.90 -23.95
N PHE B 242 3.13 -1.68 -25.05
CA PHE B 242 2.40 -2.69 -25.79
C PHE B 242 2.81 -2.57 -27.27
N GLN B 243 3.45 -3.61 -27.83
CA GLN B 243 3.79 -3.61 -29.26
C GLN B 243 3.38 -4.90 -29.94
N LEU B 244 2.27 -4.85 -30.67
CA LEU B 244 1.69 -5.97 -31.43
C LEU B 244 2.67 -6.40 -32.58
N GLY B 245 2.93 -7.71 -32.68
CA GLY B 245 3.79 -8.27 -33.72
C GLY B 245 5.29 -8.18 -33.46
N ASN B 246 5.68 -7.50 -32.37
CA ASN B 246 7.07 -7.36 -32.01
C ASN B 246 7.53 -8.55 -31.19
N TRP B 247 8.55 -9.24 -31.73
CA TRP B 247 9.14 -10.45 -31.19
C TRP B 247 10.53 -10.20 -30.58
N SER B 248 10.93 -8.91 -30.42
CA SER B 248 12.24 -8.62 -29.83
C SER B 248 12.29 -8.80 -28.31
N GLU B 249 13.11 -9.75 -27.85
CA GLU B 249 13.26 -10.05 -26.43
C GLU B 249 14.24 -9.11 -25.67
N LEU B 250 14.90 -8.18 -26.39
CA LEU B 250 15.87 -7.22 -25.82
C LEU B 250 15.13 -6.02 -25.19
N ASN B 251 15.79 -5.28 -24.26
CA ASN B 251 15.22 -4.08 -23.63
C ASN B 251 15.44 -2.81 -24.51
N ASN B 252 14.41 -2.36 -25.26
CA ASN B 252 14.45 -1.18 -26.14
C ASN B 252 14.66 0.10 -25.30
N ILE B 253 15.67 0.91 -25.65
CA ILE B 253 16.01 2.10 -24.89
C ILE B 253 14.97 3.25 -24.94
N GLN B 254 14.25 3.41 -26.07
CA GLN B 254 13.16 4.37 -26.23
C GLN B 254 11.97 3.97 -25.32
N ASP B 255 11.80 2.64 -25.11
CA ASP B 255 10.76 2.10 -24.24
C ASP B 255 11.12 2.37 -22.79
N HIS B 256 12.39 2.15 -22.39
CA HIS B 256 12.89 2.46 -21.04
C HIS B 256 12.54 3.94 -20.71
N ASN B 257 12.82 4.85 -21.66
CA ASN B 257 12.55 6.28 -21.61
C ASN B 257 11.05 6.57 -21.43
N THR B 258 10.19 5.95 -22.31
CA THR B 258 8.73 6.08 -22.30
C THR B 258 8.19 5.68 -20.92
N ILE B 259 8.68 4.55 -20.37
CA ILE B 259 8.29 4.05 -19.05
CA ILE B 259 8.29 4.05 -19.04
C ILE B 259 8.67 5.07 -17.96
N TRP B 260 9.96 5.47 -17.92
CA TRP B 260 10.46 6.42 -16.93
C TRP B 260 9.79 7.79 -16.94
N GLU B 261 9.81 8.48 -18.10
CA GLU B 261 9.20 9.81 -18.27
C GLU B 261 7.70 9.80 -18.04
N GLY B 262 7.00 8.78 -18.55
CA GLY B 262 5.56 8.66 -18.38
C GLY B 262 5.15 8.45 -16.92
N CYS B 263 5.86 7.55 -16.21
CA CYS B 263 5.56 7.22 -14.83
C CYS B 263 5.92 8.33 -13.85
N CYS B 264 7.07 9.00 -14.09
CA CYS B 264 7.50 10.17 -13.30
C CYS B 264 6.57 11.35 -13.50
N ARG B 265 6.03 11.53 -14.71
CA ARG B 265 5.08 12.63 -14.95
C ARG B 265 3.78 12.34 -14.18
N LEU B 266 3.34 11.06 -14.20
CA LEU B 266 2.17 10.54 -13.52
C LEU B 266 2.31 10.74 -12.00
N GLU B 267 3.46 10.29 -11.45
CA GLU B 267 3.82 10.28 -10.03
C GLU B 267 5.23 10.87 -9.79
N PRO B 268 5.35 12.24 -9.64
CA PRO B 268 6.67 12.90 -9.45
C PRO B 268 7.64 12.31 -8.45
N THR B 269 7.15 11.63 -7.39
CA THR B 269 8.00 11.04 -6.35
C THR B 269 8.82 9.86 -6.84
N LEU B 270 8.47 9.27 -8.02
CA LEU B 270 9.23 8.18 -8.65
C LEU B 270 10.62 8.67 -9.06
N LYS B 271 10.74 9.97 -9.44
CA LYS B 271 12.01 10.57 -9.84
C LYS B 271 13.19 10.21 -8.91
N ASN B 272 12.97 10.14 -7.58
CA ASN B 272 14.03 9.73 -6.66
C ASN B 272 14.12 8.23 -6.31
N ALA B 273 13.29 7.38 -6.96
CA ALA B 273 13.27 5.94 -6.72
C ALA B 273 14.37 5.19 -7.49
N ARG B 274 15.03 4.27 -6.78
CA ARG B 274 16.11 3.46 -7.29
C ARG B 274 15.63 2.38 -8.27
N ILE B 275 16.11 2.40 -9.53
CA ILE B 275 15.78 1.41 -10.56
C ILE B 275 16.52 0.11 -10.20
N ILE B 276 15.77 -0.98 -9.93
CA ILE B 276 16.30 -2.31 -9.56
C ILE B 276 16.56 -3.17 -10.83
N GLY B 277 15.52 -3.37 -11.64
CA GLY B 277 15.60 -4.17 -12.86
C GLY B 277 14.70 -3.74 -13.98
N GLU B 278 14.87 -4.36 -15.18
CA GLU B 278 14.09 -4.10 -16.39
C GLU B 278 13.87 -5.42 -17.15
N ARG B 279 12.61 -5.70 -17.56
CA ARG B 279 12.27 -6.95 -18.25
C ARG B 279 11.36 -6.72 -19.44
N THR B 280 11.44 -7.65 -20.40
CA THR B 280 10.63 -7.74 -21.61
C THR B 280 9.89 -9.09 -21.57
N GLY B 281 8.61 -9.05 -21.92
CA GLY B 281 7.77 -10.23 -22.04
C GLY B 281 6.86 -10.11 -23.25
N PHE B 282 6.30 -11.23 -23.70
CA PHE B 282 5.38 -11.20 -24.83
C PHE B 282 4.04 -11.68 -24.38
N ARG B 283 3.06 -10.79 -24.42
CA ARG B 283 1.69 -11.14 -24.08
C ARG B 283 1.12 -12.06 -25.18
N PRO B 284 0.43 -13.17 -24.82
CA PRO B 284 -0.17 -14.05 -25.86
C PRO B 284 -1.48 -13.41 -26.34
N VAL B 285 -1.37 -12.42 -27.22
CA VAL B 285 -2.54 -11.65 -27.68
C VAL B 285 -3.38 -12.44 -28.69
N ARG B 286 -4.72 -12.40 -28.51
CA ARG B 286 -5.69 -13.10 -29.33
C ARG B 286 -7.04 -12.42 -29.14
N PRO B 287 -7.92 -12.28 -30.20
CA PRO B 287 -9.23 -11.61 -29.99
C PRO B 287 -10.07 -12.22 -28.88
N GLN B 288 -9.85 -13.51 -28.58
CA GLN B 288 -10.45 -14.25 -27.47
C GLN B 288 -9.50 -15.39 -27.07
N ILE B 289 -9.64 -15.91 -25.83
CA ILE B 289 -8.80 -17.03 -25.38
C ILE B 289 -9.24 -18.26 -26.18
N ARG B 290 -8.30 -19.17 -26.43
CA ARG B 290 -8.63 -20.44 -27.05
C ARG B 290 -8.61 -21.43 -25.92
N LEU B 291 -9.80 -21.89 -25.55
CA LEU B 291 -10.03 -22.84 -24.48
C LEU B 291 -11.07 -23.82 -24.97
N GLU B 292 -10.59 -24.89 -25.64
CA GLU B 292 -11.45 -25.87 -26.26
C GLU B 292 -10.72 -27.17 -26.51
N ARG B 293 -11.51 -28.20 -26.84
CA ARG B 293 -11.01 -29.50 -27.19
C ARG B 293 -10.75 -29.56 -28.71
N GLU B 294 -9.81 -30.42 -29.09
CA GLU B 294 -9.51 -30.71 -30.49
C GLU B 294 -9.11 -32.18 -30.57
N GLN B 295 -9.75 -32.92 -31.49
CA GLN B 295 -9.38 -34.32 -31.68
C GLN B 295 -8.30 -34.30 -32.78
N LEU B 296 -7.09 -34.72 -32.44
CA LEU B 296 -5.99 -34.73 -33.40
C LEU B 296 -6.29 -35.57 -34.65
N ARG B 297 -6.10 -34.98 -35.82
CA ARG B 297 -6.38 -35.59 -37.13
C ARG B 297 -5.08 -36.03 -37.81
N THR B 298 -4.16 -36.51 -36.97
CA THR B 298 -2.86 -36.97 -37.35
C THR B 298 -2.47 -38.19 -36.50
N GLY B 299 -1.89 -39.17 -37.18
CA GLY B 299 -1.44 -40.39 -36.52
C GLY B 299 -2.50 -41.46 -36.51
N PRO B 300 -2.07 -42.71 -36.21
CA PRO B 300 -3.00 -43.85 -36.20
C PRO B 300 -4.08 -43.85 -35.10
N SER B 301 -3.84 -43.09 -34.03
CA SER B 301 -4.78 -42.93 -32.93
C SER B 301 -5.17 -41.48 -32.94
N ASN B 302 -6.38 -41.16 -32.52
CA ASN B 302 -6.72 -39.74 -32.41
C ASN B 302 -6.33 -39.37 -30.97
N THR B 303 -5.66 -38.23 -30.82
CA THR B 303 -5.32 -37.78 -29.47
C THR B 303 -6.14 -36.57 -29.09
N GLU B 304 -6.64 -36.59 -27.87
CA GLU B 304 -7.45 -35.54 -27.31
C GLU B 304 -6.56 -34.37 -26.89
N VAL B 305 -6.83 -33.18 -27.46
CA VAL B 305 -6.09 -31.97 -27.12
C VAL B 305 -7.01 -30.93 -26.52
N ILE B 306 -6.65 -30.46 -25.31
CA ILE B 306 -7.30 -29.32 -24.67
C ILE B 306 -6.36 -28.14 -24.87
N HIS B 307 -6.80 -27.16 -25.67
CA HIS B 307 -6.05 -25.92 -25.87
C HIS B 307 -6.43 -24.93 -24.74
N ASN B 308 -5.43 -24.22 -24.15
CA ASN B 308 -5.66 -23.20 -23.13
C ASN B 308 -4.57 -22.14 -23.27
N TYR B 309 -4.77 -21.24 -24.23
CA TYR B 309 -3.78 -20.21 -24.55
C TYR B 309 -4.43 -18.98 -25.13
N GLY B 310 -3.68 -17.87 -25.18
CA GLY B 310 -4.17 -16.61 -25.72
C GLY B 310 -4.82 -15.71 -24.69
N HIS B 311 -4.26 -15.63 -23.48
CA HIS B 311 -4.84 -14.80 -22.40
C HIS B 311 -4.31 -13.34 -22.38
N GLY B 312 -3.56 -12.93 -23.41
CA GLY B 312 -3.07 -11.56 -23.55
C GLY B 312 -2.51 -10.92 -22.30
N GLY B 313 -2.96 -9.70 -21.98
CA GLY B 313 -2.46 -9.01 -20.79
C GLY B 313 -3.24 -9.27 -19.52
N TYR B 314 -3.93 -10.45 -19.42
CA TYR B 314 -4.76 -10.73 -18.25
C TYR B 314 -4.79 -12.19 -17.79
N GLY B 315 -3.71 -12.92 -18.01
CA GLY B 315 -3.59 -14.34 -17.65
C GLY B 315 -3.72 -14.62 -16.16
N LEU B 316 -3.07 -13.81 -15.33
CA LEU B 316 -3.12 -13.96 -13.85
C LEU B 316 -4.53 -13.69 -13.36
N THR B 317 -5.18 -12.68 -13.95
CA THR B 317 -6.56 -12.24 -13.72
C THR B 317 -7.62 -13.32 -14.00
N ILE B 318 -7.41 -14.17 -15.05
CA ILE B 318 -8.38 -15.17 -15.50
C ILE B 318 -8.00 -16.64 -15.30
N HIS B 319 -6.74 -16.91 -14.92
CA HIS B 319 -6.21 -18.30 -14.83
C HIS B 319 -7.09 -19.37 -14.20
N TRP B 320 -7.71 -19.06 -13.03
CA TRP B 320 -8.53 -20.02 -12.30
C TRP B 320 -9.80 -20.48 -13.00
N GLY B 321 -10.61 -19.53 -13.47
CA GLY B 321 -11.81 -19.82 -14.23
C GLY B 321 -11.46 -20.61 -15.48
N CYS B 322 -10.32 -20.29 -16.12
CA CYS B 322 -9.80 -21.06 -17.27
C CYS B 322 -9.34 -22.48 -16.89
N ALA B 323 -8.70 -22.63 -15.71
CA ALA B 323 -8.26 -23.93 -15.24
C ALA B 323 -9.44 -24.86 -14.96
N LEU B 324 -10.50 -24.29 -14.35
CA LEU B 324 -11.73 -25.01 -14.03
C LEU B 324 -12.45 -25.44 -15.32
N GLU B 325 -12.48 -24.58 -16.36
CA GLU B 325 -13.09 -24.91 -17.66
C GLU B 325 -12.34 -26.04 -18.35
N ALA B 326 -10.99 -26.02 -18.28
CA ALA B 326 -10.14 -27.07 -18.85
C ALA B 326 -10.39 -28.39 -18.12
N ALA B 327 -10.56 -28.36 -16.78
CA ALA B 327 -10.87 -29.55 -15.99
C ALA B 327 -12.25 -30.13 -16.41
N LYS B 328 -13.22 -29.25 -16.70
CA LYS B 328 -14.57 -29.61 -17.18
C LYS B 328 -14.45 -30.35 -18.53
N LEU B 329 -13.69 -29.75 -19.49
CA LEU B 329 -13.40 -30.33 -20.81
C LEU B 329 -12.74 -31.70 -20.64
N PHE B 330 -11.82 -31.81 -19.68
CA PHE B 330 -11.13 -33.06 -19.34
C PHE B 330 -12.09 -34.20 -18.86
N GLY B 331 -13.04 -33.86 -17.98
CA GLY B 331 -14.06 -34.80 -17.50
C GLY B 331 -14.97 -35.27 -18.61
N ARG B 332 -15.21 -34.39 -19.61
CA ARG B 332 -16.02 -34.70 -20.79
C ARG B 332 -15.32 -35.73 -21.68
N ILE B 333 -13.95 -35.66 -21.74
CA ILE B 333 -13.11 -36.63 -22.48
C ILE B 333 -13.26 -37.99 -21.80
N LEU B 334 -13.18 -38.00 -20.44
CA LEU B 334 -13.29 -39.20 -19.59
C LEU B 334 -14.60 -39.98 -19.76
N GLU B 335 -15.74 -39.27 -19.80
CA GLU B 335 -17.07 -39.87 -19.94
C GLU B 335 -17.27 -40.45 -21.34
N GLU B 336 -16.91 -39.69 -22.40
CA GLU B 336 -17.01 -40.11 -23.80
C GLU B 336 -16.23 -41.38 -24.09
N LYS B 337 -15.04 -41.57 -23.43
CA LYS B 337 -14.19 -42.74 -23.58
C LYS B 337 -14.97 -43.97 -23.11
N LYS B 338 -15.18 -44.13 -21.78
CA LYS B 338 -15.92 -45.22 -21.14
C LYS B 338 -16.02 -45.04 -19.61
N LEU B 339 -17.00 -45.73 -18.99
CA LEU B 339 -17.20 -45.79 -17.54
C LEU B 339 -16.78 -47.21 -17.08
N SER B 340 -17.47 -48.25 -17.61
CA SER B 340 -17.22 -49.66 -17.35
C SER B 340 -17.59 -50.52 -18.56
#